data_6YOV
#
_entry.id   6YOV
#
_cell.length_a   1.00
_cell.length_b   1.00
_cell.length_c   1.00
_cell.angle_alpha   90.00
_cell.angle_beta   90.00
_cell.angle_gamma   90.00
#
_symmetry.space_group_name_H-M   'P 1'
#
loop_
_entity.id
_entity.type
_entity.pdbx_description
1 polymer 'Histone H3.1'
2 polymer 'Histone H4'
3 polymer 'Histone H2A type 1-B/E'
4 polymer 'Histone H2B type 1-J'
5 polymer 'Histone H3.1'
6 polymer 'Histone H4'
7 polymer 'DNA (142-MER)'
8 polymer 'Green fluorescent protein,POU domain, class 5, transcription factor 1'
9 polymer 'Transcription factor SOX-2'
10 non-polymer PENTANEDIAL
#
loop_
_entity_poly.entity_id
_entity_poly.type
_entity_poly.pdbx_seq_one_letter_code
_entity_poly.pdbx_strand_id
1 'polypeptide(L)'
;GSHMARTKQTARKSTGGKAPRKQLATKAARKSAPATGGVKKPHRYRPGTVALREIRRYQKSTELLIRKLPFQRLVREIAQ
DFKTDLRFQSSAVMALQEACEAYLVGLFEDTNLCAIHAKRVTIMPKDIQLARRIRGERA
;
A
2 'polypeptide(L)'
;GSHMSGRGKGGKGLGKGGAKRHRVLRDNIQGITKPAIRRLARRGGVKRISGLIYEETRGVLKVFLENVIRDAVTYTEHAK
RKTVTAMDVVYALKRQGRTLYGFGG
;
B
3 'polypeptide(L)'
;GSHMSGRGKQGGKARAKAKTRSSRAGLQFPVGRVHRLLRKGNYSERVGAGAPVYLAAVLEYLTAEILELAGNAARDNKKT
RIIPRHLQLAIRNDEELNKLLGRVTIAQGGVLPNIQAVLLPKKTESHHKAKGK
;
C,G
4 'polypeptide(L)'
;GSHMPEPAKSAPAPKKGSKKAVTKAQKKDGKKRKRSRKESYSIYVYKVLKQVHPDTGISSKAMGIMNSFVNDIFERIAGE
ASRLAHYNKRSTITSREIQTAVRLLLPGELAKHAVSEGTKAVTKYTSA
;
D,H
5 'polypeptide(L)'
;GSHMARTKQTARKSTGGKAPRKQLATKAARKSAPATGGVKKPHRYRPGTVALREIRRYQKSTELLIRKLPFQRLVREIAQ
DFKTDLRFQSSAVMALQEACEAYLVGLFEDTNLCAIHAKRVTIMPKDIQLARRIRGE
;
E
6 'polypeptide(L)'
;GSHMSGRGKGGKGLGKGGAKRHRKVLRDNIQGITKPAIRRLARRGGVKRISGLIYEETRGVLKVFLENVIRDAVTYTEHA
KRKTVTAMDVVYALKRQGRTLYGFGG
;
F
7 'polydeoxyribonucleotide'
;(DA)(DT)(DC)(DC)(DT)(DG)(DG)(DA)(DG)(DA)(DA)(DT)(DC)(DC)(DC)(DG)(DG)(DT)(DC)(DT)
(DG)(DC)(DA)(DG)(DG)(DC)(DC)(DG)(DC)(DT)(DC)(DA)(DA)(DT)(DT)(DG)(DG)(DT)(DC)(DG)
(DT)(DA)(DG)(DA)(DC)(DA)(DG)(DC)(DT)(DC)(DT)(DA)(DG)(DC)(DA)(DC)(DC)(DG)(DC)(DT)
(DT)(DA)(DA)(DA)(DC)(DG)(DC)(DA)(DC)(DG)(DT)(DA)(DC)(DG)(DC)(DG)(DC)(DT)(DG)(DT)
(DC)(DC)(DC)(DC)(DC)(DG)(DC)(DG)(DT)(DT)(DT)(DT)(DA)(DA)(DC)(DC)(DG)(DC)(DC)(DA)
(DA)(DG)(DG)(DG)(DG)(DA)(DT)(DT)(DA)(DC)(DT)(DC)(DC)(DC)(DT)(DA)(DG)(DT)(DC)(DT)
(DC)(DC)(DA)(DG)(DG)(DC)(DC)(DT)(DT)(DT)(DG)(DT)(DT)(DA)(DT)(DG)(DC)(DA)(DA)(DA)
(DT)(DA)(DC)(DA)(DT)(DC)(DC)(DT)(DG)(DT)(DA)(DC)(DA)(DG)(DG)(DA)(DT)(DG)(DT)(DA)
(DT)(DT)(DT)(DG)(DC)(DA)(DT)(DA)(DA)(DC)(DA)(DA)(DA)(DG)(DG)(DC)(DC)(DT)(DG)(DG)
(DA)(DG)(DA)(DC)(DT)(DA)(DG)(DG)(DG)(DA)(DG)(DT)(DA)(DA)(DT)(DC)(DC)(DC)(DC)(DT)
(DT)(DG)(DG)(DC)(DG)(DG)(DT)(DT)(DA)(DA)(DA)(DA)(DC)(DG)(DC)(DG)(DG)(DG)(DG)(DG)
(DA)(DC)(DA)(DG)(DC)(DG)(DC)(DG)(DT)(DA)(DC)(DG)(DT)(DG)(DC)(DG)(DT)(DT)(DT)(DA)
(DA)(DG)(DC)(DG)(DG)(DT)(DG)(DC)(DT)(DA)(DG)(DA)(DG)(DC)(DT)(DG)(DT)(DC)(DT)(DA)
(DC)(DG)(DA)(DC)(DC)(DA)(DA)(DT)(DT)(DG)(DA)(DG)(DC)(DG)(DG)(DC)(DC)(DT)(DG)(DC)
(DA)(DG)(DA)(DC)(DC)(DG)(DG)(DG)(DA)(DT)(DT)(DC)(DT)(DC)(DC)(DA)(DG)(DG)(DA)(DT)
;
I,J
8 'polypeptide(L)'
;MDWSHPQFEKSAVDENLYFQGGMVSKGEELFTGVVPILVELDGDVNGHKFSVSGEGEGDATYGKLTLKFICTTGKLPVPW
PTLVTTLTYGVQCFSRYPDHMKQHDFFKSAMPEGYVQERTIFFKDDGNYKTRAEVKFEGDTLVNRIELKGIDFKEDGNIL
GHKLEYNYNSHNVYIMADKQKNGIKVNFKIRHNIEDGSVQLADHYQQNTPIGDGPVLLPDNHYLSTQSKLSKDPNEKRDH
MVLLEFVTAAGITLGMDELYKEAAAKEAAAKMAGHLASDFAFSPPPGGGGDGPGGPEPGWVDPRTWLSFQGPPGGPGIGP
GVGPGSEVWGIPPCPPPYEFCGGMAYCGPQVGVGLVPQGGLETSQPEGEAGVGVESNSDGASPEPCTVTPGAVKLEKEKL
EQNPEESQDIKALQKELEQFAKLLKQKRITLGYTQADVGLTLGVLFGKVFSQTTICRFEALQLSFKNMCKLRPLLQKWVE
EADNNENLQEICKAETLVQARKRKRTSIENRVRGNLENLFLQCPKPTLQQISHIAQQLGLEKDVVRVWFCNRRQKGKRSS
SDYAQREDFEAAGSPFSGGPVSFPLAPGPHFGTPGYGSPHFTALYSSVPFPEGEAFPPVSVTTLGSPMHSN
;
K
9 'polypeptide(L)'
;MDWSHPQFEKSAVDENLYFQGGMSPDRVKRPMNAFMVWSRGQRRKMAQENPKMHNSEISKRLGAEWKLLSETEKRPFIDE
AKRLRALHMKEHPDYKYRPRRKTKT
;
L
#
# COMPACT_ATOMS: atom_id res chain seq x y z
N HIS A 43 -42.21 22.40 -10.13
CA HIS A 43 -42.04 20.92 -10.19
C HIS A 43 -40.90 20.50 -9.26
N ARG A 44 -41.21 20.11 -8.02
CA ARG A 44 -40.16 19.64 -7.07
C ARG A 44 -39.88 18.15 -7.33
N TYR A 45 -38.61 17.78 -7.45
CA TYR A 45 -38.28 16.34 -7.60
C TYR A 45 -38.57 15.64 -6.27
N ARG A 46 -39.23 14.48 -6.31
CA ARG A 46 -39.62 13.77 -5.07
C ARG A 46 -38.39 13.30 -4.28
N PRO A 47 -38.47 13.19 -2.93
CA PRO A 47 -37.38 12.68 -2.13
C PRO A 47 -36.80 11.42 -2.71
N GLY A 48 -35.47 11.38 -2.78
CA GLY A 48 -34.74 10.25 -3.33
C GLY A 48 -34.25 10.53 -4.74
N THR A 49 -34.94 11.39 -5.49
CA THR A 49 -34.44 11.74 -6.85
C THR A 49 -33.07 12.41 -6.72
N VAL A 50 -32.93 13.39 -5.82
CA VAL A 50 -31.67 14.09 -5.65
C VAL A 50 -30.63 13.17 -5.04
N ALA A 51 -31.05 12.36 -4.08
CA ALA A 51 -30.09 11.50 -3.41
C ALA A 51 -29.39 10.60 -4.40
N LEU A 52 -30.15 10.05 -5.35
CA LEU A 52 -29.54 9.17 -6.33
C LEU A 52 -28.60 9.96 -7.24
N ARG A 53 -29.01 11.19 -7.60
CA ARG A 53 -28.15 12.06 -8.45
C ARG A 53 -26.85 12.39 -7.70
N GLU A 54 -26.93 12.63 -6.39
CA GLU A 54 -25.75 13.00 -5.61
C GLU A 54 -24.86 11.79 -5.40
N ILE A 55 -25.45 10.61 -5.24
CA ILE A 55 -24.64 9.41 -5.13
C ILE A 55 -23.90 9.23 -6.45
N ARG A 56 -24.65 9.32 -7.53
CA ARG A 56 -24.09 9.19 -8.85
C ARG A 56 -22.97 10.17 -9.11
N ARG A 57 -23.23 11.43 -8.78
CA ARG A 57 -22.36 12.52 -9.12
C ARG A 57 -21.06 12.48 -8.35
N TYR A 58 -21.11 12.17 -7.07
CA TYR A 58 -19.90 12.17 -6.29
C TYR A 58 -19.08 10.95 -6.60
N GLN A 59 -19.72 9.86 -6.98
CA GLN A 59 -18.98 8.67 -7.37
C GLN A 59 -18.19 8.95 -8.64
N LYS A 60 -18.82 9.68 -9.54
CA LYS A 60 -18.21 10.06 -10.81
C LYS A 60 -17.06 11.04 -10.65
N SER A 61 -17.24 11.99 -9.74
CA SER A 61 -16.25 13.05 -9.57
C SER A 61 -15.00 12.52 -8.91
N THR A 62 -13.92 13.29 -9.01
CA THR A 62 -12.66 12.89 -8.42
C THR A 62 -12.12 13.87 -7.39
N GLU A 63 -12.71 15.06 -7.35
CA GLU A 63 -12.19 16.10 -6.47
C GLU A 63 -12.59 15.89 -5.03
N LEU A 64 -12.12 16.80 -4.19
CA LEU A 64 -12.35 16.75 -2.75
C LEU A 64 -13.74 17.24 -2.40
N LEU A 65 -14.29 16.67 -1.33
CA LEU A 65 -15.63 17.02 -0.87
C LEU A 65 -15.56 17.86 0.40
N ILE A 66 -14.46 17.73 1.14
CA ILE A 66 -14.22 18.51 2.34
C ILE A 66 -13.49 19.80 2.01
N ARG A 67 -13.92 20.88 2.62
CA ARG A 67 -13.31 22.19 2.42
C ARG A 67 -11.87 22.24 2.91
N LYS A 68 -11.01 22.90 2.15
CA LYS A 68 -9.58 22.87 2.42
C LYS A 68 -9.18 23.59 3.70
N LEU A 69 -9.59 24.82 3.86
CA LEU A 69 -9.12 25.55 5.03
C LEU A 69 -9.58 24.94 6.35
N PRO A 70 -10.87 24.59 6.50
CA PRO A 70 -11.40 23.89 7.65
C PRO A 70 -10.65 22.59 7.92
N PHE A 71 -10.32 21.85 6.86
CA PHE A 71 -9.58 20.61 7.04
C PHE A 71 -8.20 20.90 7.57
N GLN A 72 -7.53 21.87 6.95
CA GLN A 72 -6.17 22.19 7.33
C GLN A 72 -6.12 22.59 8.79
N ARG A 73 -7.11 23.34 9.23
CA ARG A 73 -7.14 23.75 10.62
C ARG A 73 -7.36 22.56 11.54
N LEU A 74 -8.24 21.64 11.13
CA LEU A 74 -8.47 20.45 11.94
C LEU A 74 -7.17 19.67 12.11
N VAL A 75 -6.39 19.57 11.04
CA VAL A 75 -5.13 18.87 11.11
C VAL A 75 -4.24 19.51 12.15
N ARG A 76 -4.15 20.83 12.10
CA ARG A 76 -3.30 21.54 13.01
C ARG A 76 -3.77 21.51 14.45
N GLU A 77 -5.08 21.62 14.66
CA GLU A 77 -5.60 21.58 16.01
C GLU A 77 -5.17 20.30 16.69
N ILE A 78 -5.24 19.20 15.95
CA ILE A 78 -4.80 17.93 16.46
C ILE A 78 -3.29 17.91 16.66
N ALA A 79 -2.56 18.42 15.66
CA ALA A 79 -1.11 18.41 15.72
C ALA A 79 -0.59 19.17 16.93
N GLN A 80 -1.30 20.22 17.32
CA GLN A 80 -0.90 21.06 18.45
C GLN A 80 -0.90 20.30 19.76
N ASP A 81 -1.58 19.16 19.82
CA ASP A 81 -1.62 18.37 21.03
C ASP A 81 -0.42 17.44 21.12
N PHE A 82 0.40 17.39 20.07
CA PHE A 82 1.58 16.56 20.11
C PHE A 82 2.79 17.45 20.38
N LYS A 83 2.81 18.60 19.72
CA LYS A 83 3.88 19.56 19.94
C LYS A 83 3.48 20.93 19.43
N THR A 84 4.05 21.97 20.01
CA THR A 84 3.80 23.32 19.54
C THR A 84 4.66 23.63 18.34
N ASP A 85 4.31 24.70 17.63
CA ASP A 85 5.15 25.23 16.57
C ASP A 85 5.43 24.20 15.48
N LEU A 86 4.45 23.37 15.17
CA LEU A 86 4.62 22.41 14.09
C LEU A 86 4.15 23.00 12.78
N ARG A 87 4.76 22.54 11.69
CA ARG A 87 4.36 23.00 10.37
C ARG A 87 4.14 21.85 9.42
N PHE A 88 3.43 22.14 8.34
CA PHE A 88 3.17 21.15 7.31
C PHE A 88 3.43 21.72 5.94
N GLN A 89 3.94 20.88 5.05
CA GLN A 89 4.00 21.24 3.64
C GLN A 89 2.60 21.28 3.11
N SER A 90 2.33 22.14 2.13
CA SER A 90 0.97 22.21 1.61
C SER A 90 0.56 20.86 1.02
N SER A 91 1.54 20.13 0.52
CA SER A 91 1.30 18.81 -0.05
C SER A 91 1.02 17.77 1.02
N ALA A 92 1.46 18.04 2.25
CA ALA A 92 1.23 17.10 3.34
C ALA A 92 -0.21 17.20 3.77
N VAL A 93 -0.74 18.41 3.74
CA VAL A 93 -2.12 18.61 4.13
C VAL A 93 -3.02 17.95 3.11
N MET A 94 -2.67 18.11 1.83
CA MET A 94 -3.44 17.48 0.77
C MET A 94 -3.39 15.97 0.91
N ALA A 95 -2.23 15.43 1.26
CA ALA A 95 -2.09 14.00 1.43
C ALA A 95 -3.00 13.50 2.55
N LEU A 96 -3.05 14.26 3.64
CA LEU A 96 -3.89 13.89 4.76
C LEU A 96 -5.36 13.90 4.39
N GLN A 97 -5.77 14.92 3.64
CA GLN A 97 -7.17 15.00 3.29
C GLN A 97 -7.56 13.90 2.34
N GLU A 98 -6.66 13.56 1.42
CA GLU A 98 -6.97 12.52 0.45
C GLU A 98 -7.18 11.21 1.18
N ALA A 99 -6.33 10.94 2.16
CA ALA A 99 -6.43 9.72 2.95
C ALA A 99 -7.72 9.70 3.75
N CYS A 100 -8.10 10.85 4.29
CA CYS A 100 -9.28 10.93 5.14
C CYS A 100 -10.56 10.71 4.36
N GLU A 101 -10.67 11.32 3.20
CA GLU A 101 -11.89 11.15 2.44
C GLU A 101 -12.00 9.72 1.97
N ALA A 102 -10.89 9.17 1.49
CA ALA A 102 -10.92 7.81 1.01
C ALA A 102 -11.33 6.88 2.14
N TYR A 103 -10.85 7.16 3.33
CA TYR A 103 -11.20 6.36 4.49
C TYR A 103 -12.69 6.44 4.80
N LEU A 104 -13.22 7.66 4.88
CA LEU A 104 -14.61 7.83 5.24
C LEU A 104 -15.55 7.26 4.20
N VAL A 105 -15.19 7.40 2.93
CA VAL A 105 -16.05 6.88 1.89
C VAL A 105 -16.15 5.38 1.99
N GLY A 106 -15.01 4.73 2.21
CA GLY A 106 -15.00 3.27 2.36
C GLY A 106 -15.82 2.85 3.56
N LEU A 107 -15.73 3.62 4.64
CA LEU A 107 -16.49 3.32 5.84
C LEU A 107 -17.97 3.49 5.57
N PHE A 108 -18.34 4.56 4.88
CA PHE A 108 -19.73 4.79 4.57
C PHE A 108 -20.30 3.69 3.70
N GLU A 109 -19.51 3.19 2.76
CA GLU A 109 -19.98 2.11 1.91
C GLU A 109 -20.29 0.86 2.75
N ASP A 110 -19.40 0.53 3.68
CA ASP A 110 -19.63 -0.63 4.54
C ASP A 110 -20.81 -0.37 5.45
N THR A 111 -20.94 0.87 5.88
CA THR A 111 -22.04 1.29 6.73
C THR A 111 -23.35 1.12 5.99
N ASN A 112 -23.35 1.52 4.72
CA ASN A 112 -24.53 1.43 3.89
C ASN A 112 -24.95 -0.02 3.75
N LEU A 113 -23.98 -0.92 3.59
CA LEU A 113 -24.29 -2.33 3.46
C LEU A 113 -24.92 -2.86 4.74
N CYS A 114 -24.44 -2.37 5.88
CA CYS A 114 -24.99 -2.80 7.16
C CYS A 114 -26.45 -2.40 7.25
N ALA A 115 -26.76 -1.17 6.85
CA ALA A 115 -28.13 -0.69 6.88
C ALA A 115 -29.01 -1.49 5.94
N ILE A 116 -28.46 -1.86 4.80
CA ILE A 116 -29.20 -2.66 3.83
C ILE A 116 -29.52 -4.03 4.41
N HIS A 117 -28.54 -4.63 5.06
CA HIS A 117 -28.74 -5.92 5.72
C HIS A 117 -29.85 -5.82 6.75
N ALA A 118 -29.91 -4.67 7.42
CA ALA A 118 -30.91 -4.40 8.44
C ALA A 118 -32.24 -3.99 7.82
N LYS A 119 -32.33 -4.07 6.49
CA LYS A 119 -33.52 -3.65 5.74
C LYS A 119 -33.88 -2.20 5.96
N ARG A 120 -32.89 -1.33 5.92
CA ARG A 120 -33.13 0.10 6.04
C ARG A 120 -32.35 0.89 5.00
N VAL A 121 -32.81 2.12 4.77
CA VAL A 121 -32.13 3.03 3.87
C VAL A 121 -31.39 4.09 4.67
N THR A 122 -32.00 4.52 5.77
CA THR A 122 -31.42 5.56 6.60
C THR A 122 -30.28 5.00 7.43
N ILE A 123 -29.17 5.72 7.46
CA ILE A 123 -28.01 5.30 8.21
C ILE A 123 -28.08 5.75 9.66
N MET A 124 -27.83 4.82 10.57
CA MET A 124 -27.79 5.10 12.00
C MET A 124 -26.35 4.97 12.50
N PRO A 125 -25.98 5.66 13.58
CA PRO A 125 -24.68 5.62 14.22
C PRO A 125 -24.21 4.20 14.46
N LYS A 126 -25.16 3.33 14.80
CA LYS A 126 -24.85 1.95 15.06
C LYS A 126 -24.38 1.22 13.81
N ASP A 127 -24.83 1.65 12.63
CA ASP A 127 -24.47 0.96 11.41
C ASP A 127 -23.00 1.22 11.17
N ILE A 128 -22.56 2.42 11.55
CA ILE A 128 -21.16 2.78 11.42
C ILE A 128 -20.35 1.96 12.39
N GLN A 129 -20.83 1.88 13.62
CA GLN A 129 -20.12 1.18 14.66
C GLN A 129 -19.97 -0.29 14.34
N LEU A 130 -21.00 -0.90 13.76
CA LEU A 130 -20.89 -2.31 13.42
C LEU A 130 -19.79 -2.53 12.41
N ALA A 131 -19.75 -1.69 11.38
CA ALA A 131 -18.73 -1.87 10.37
C ALA A 131 -17.35 -1.72 10.97
N ARG A 132 -17.18 -0.73 11.84
CA ARG A 132 -15.87 -0.49 12.44
C ARG A 132 -15.47 -1.65 13.32
N ARG A 133 -16.42 -2.18 14.04
CA ARG A 133 -16.16 -3.27 14.95
C ARG A 133 -15.66 -4.48 14.21
N ILE A 134 -16.33 -4.81 13.12
CA ILE A 134 -15.95 -5.95 12.31
C ILE A 134 -14.56 -5.76 11.72
N ARG A 135 -14.27 -4.53 11.35
CA ARG A 135 -12.98 -4.16 10.79
C ARG A 135 -11.85 -4.15 11.82
N GLY A 136 -12.20 -4.27 13.10
CA GLY A 136 -11.20 -4.25 14.17
C GLY A 136 -10.70 -2.84 14.48
N GLU A 137 -11.54 -1.85 14.27
CA GLU A 137 -11.15 -0.47 14.50
C GLU A 137 -11.70 0.07 15.82
N VAL B 24 -3.44 29.22 18.70
CA VAL B 24 -4.18 28.09 19.27
C VAL B 24 -5.47 27.86 18.51
N LEU B 25 -5.64 26.64 18.02
CA LEU B 25 -6.84 26.27 17.30
C LEU B 25 -7.81 25.52 18.18
N ARG B 26 -9.10 25.64 17.88
CA ARG B 26 -10.11 24.91 18.63
C ARG B 26 -11.35 24.57 17.79
N ASP B 27 -11.94 23.42 18.10
CA ASP B 27 -13.25 23.04 17.57
C ASP B 27 -13.33 23.13 16.05
N ASN B 28 -12.29 22.69 15.38
CA ASN B 28 -12.30 22.73 13.93
C ASN B 28 -12.93 21.46 13.39
N ILE B 29 -13.35 20.62 14.31
CA ILE B 29 -14.11 19.43 13.95
C ILE B 29 -15.43 19.88 13.36
N GLN B 30 -15.89 21.06 13.77
CA GLN B 30 -17.14 21.62 13.28
C GLN B 30 -16.91 22.33 11.97
N GLY B 31 -15.66 22.36 11.53
CA GLY B 31 -15.29 22.95 10.25
C GLY B 31 -15.66 21.97 9.15
N ILE B 32 -15.99 20.75 9.54
CA ILE B 32 -16.45 19.78 8.59
C ILE B 32 -17.96 19.89 8.57
N THR B 33 -18.48 20.49 7.52
CA THR B 33 -19.87 20.87 7.47
C THR B 33 -20.75 19.65 7.24
N LYS B 34 -22.03 19.81 7.49
CA LYS B 34 -22.96 18.72 7.24
C LYS B 34 -22.91 18.26 5.80
N PRO B 35 -22.99 19.16 4.82
CA PRO B 35 -22.77 18.88 3.42
C PRO B 35 -21.48 18.13 3.18
N ALA B 36 -20.39 18.52 3.84
CA ALA B 36 -19.15 17.81 3.61
C ALA B 36 -19.26 16.34 3.98
N ILE B 37 -19.91 16.07 5.10
CA ILE B 37 -20.13 14.70 5.55
C ILE B 37 -21.09 14.00 4.61
N ARG B 38 -22.15 14.70 4.27
CA ARG B 38 -23.17 14.18 3.39
C ARG B 38 -22.63 13.75 2.06
N ARG B 39 -21.78 14.59 1.49
CA ARG B 39 -21.22 14.32 0.18
C ARG B 39 -20.38 13.07 0.20
N LEU B 40 -19.59 12.88 1.26
CA LEU B 40 -18.80 11.68 1.40
C LEU B 40 -19.70 10.47 1.53
N ALA B 41 -20.75 10.60 2.33
CA ALA B 41 -21.67 9.50 2.53
C ALA B 41 -22.34 9.13 1.22
N ARG B 42 -22.66 10.15 0.43
CA ARG B 42 -23.30 9.93 -0.85
C ARG B 42 -22.41 9.20 -1.81
N ARG B 43 -21.14 9.56 -1.83
CA ARG B 43 -20.22 8.87 -2.70
C ARG B 43 -20.19 7.38 -2.36
N GLY B 44 -20.35 7.08 -1.06
CA GLY B 44 -20.35 5.70 -0.58
C GLY B 44 -21.67 4.97 -0.85
N GLY B 45 -22.66 5.68 -1.39
CA GLY B 45 -23.95 5.07 -1.71
C GLY B 45 -25.05 5.35 -0.68
N VAL B 46 -24.82 6.27 0.24
CA VAL B 46 -25.82 6.58 1.24
C VAL B 46 -26.85 7.59 0.75
N LYS B 47 -28.13 7.20 0.82
CA LYS B 47 -29.23 8.10 0.39
C LYS B 47 -29.80 8.85 1.60
N ARG B 48 -30.09 8.14 2.69
CA ARG B 48 -30.75 8.80 3.86
C ARG B 48 -29.80 8.83 5.06
N ILE B 49 -29.69 9.99 5.72
CA ILE B 49 -28.71 10.15 6.85
C ILE B 49 -29.45 10.58 8.12
N SER B 50 -29.18 9.92 9.27
CA SER B 50 -29.75 10.32 10.54
C SER B 50 -29.00 11.53 11.10
N GLY B 51 -29.72 12.40 11.79
CA GLY B 51 -29.11 13.61 12.34
C GLY B 51 -28.02 13.29 13.35
N LEU B 52 -27.96 12.04 13.80
CA LEU B 52 -26.97 11.62 14.78
C LEU B 52 -25.66 11.22 14.12
N ILE B 53 -25.68 11.03 12.80
CA ILE B 53 -24.53 10.58 12.06
C ILE B 53 -23.42 11.58 12.05
N TYR B 54 -23.78 12.84 11.93
CA TYR B 54 -22.76 13.85 11.78
C TYR B 54 -21.78 13.81 12.93
N GLU B 55 -22.29 13.63 14.14
CA GLU B 55 -21.43 13.58 15.31
C GLU B 55 -20.63 12.30 15.37
N GLU B 56 -21.24 11.19 15.00
CA GLU B 56 -20.55 9.91 15.05
C GLU B 56 -19.44 9.89 14.02
N THR B 57 -19.71 10.48 12.86
CA THR B 57 -18.75 10.52 11.78
C THR B 57 -17.53 11.31 12.19
N ARG B 58 -17.77 12.43 12.84
CA ARG B 58 -16.70 13.29 13.31
C ARG B 58 -15.79 12.57 14.28
N GLY B 59 -16.38 11.82 15.21
CA GLY B 59 -15.57 11.09 16.16
C GLY B 59 -14.63 10.15 15.43
N VAL B 60 -15.16 9.46 14.42
CA VAL B 60 -14.36 8.51 13.67
C VAL B 60 -13.29 9.19 12.84
N LEU B 61 -13.66 10.27 12.15
CA LEU B 61 -12.70 10.99 11.34
C LEU B 61 -11.55 11.47 12.19
N LYS B 62 -11.88 12.03 13.33
CA LYS B 62 -10.87 12.60 14.18
C LYS B 62 -9.85 11.56 14.61
N VAL B 63 -10.33 10.37 14.96
CA VAL B 63 -9.41 9.33 15.38
C VAL B 63 -8.52 8.87 14.24
N PHE B 64 -9.12 8.67 13.06
CA PHE B 64 -8.34 8.23 11.92
C PHE B 64 -7.27 9.26 11.60
N LEU B 65 -7.69 10.51 11.50
CA LEU B 65 -6.76 11.59 11.17
C LEU B 65 -5.70 11.74 12.25
N GLU B 66 -6.12 11.68 13.50
CA GLU B 66 -5.19 11.86 14.59
C GLU B 66 -4.08 10.82 14.57
N ASN B 67 -4.43 9.57 14.33
CA ASN B 67 -3.43 8.52 14.32
C ASN B 67 -2.42 8.75 13.20
N VAL B 68 -2.90 9.18 12.05
CA VAL B 68 -2.02 9.44 10.93
C VAL B 68 -1.08 10.59 11.22
N ILE B 69 -1.61 11.67 11.77
CA ILE B 69 -0.79 12.84 12.04
C ILE B 69 0.28 12.48 13.04
N ARG B 70 -0.09 11.80 14.10
CA ARG B 70 0.84 11.49 15.15
C ARG B 70 2.06 10.75 14.62
N ASP B 71 1.83 9.77 13.75
CA ASP B 71 2.94 9.03 13.21
C ASP B 71 3.80 9.92 12.32
N ALA B 72 3.15 10.76 11.52
CA ALA B 72 3.90 11.68 10.66
C ALA B 72 4.74 12.63 11.49
N VAL B 73 4.20 13.08 12.61
CA VAL B 73 4.92 13.95 13.51
C VAL B 73 6.06 13.19 14.16
N THR B 74 5.80 11.95 14.55
CA THR B 74 6.82 11.11 15.17
C THR B 74 8.01 10.93 14.25
N TYR B 75 7.75 10.67 12.97
CA TYR B 75 8.85 10.53 12.01
C TYR B 75 9.60 11.84 11.87
N THR B 76 8.86 12.94 11.85
CA THR B 76 9.45 14.26 11.71
C THR B 76 10.35 14.56 12.89
N GLU B 77 9.87 14.21 14.09
CA GLU B 77 10.58 14.44 15.32
C GLU B 77 11.87 13.62 15.37
N HIS B 78 11.80 12.38 14.93
CA HIS B 78 12.97 11.52 14.93
C HIS B 78 14.11 12.15 14.14
N ALA B 79 13.74 12.74 13.00
CA ALA B 79 14.68 13.38 12.10
C ALA B 79 15.13 14.75 12.61
N LYS B 80 14.58 15.16 13.76
CA LYS B 80 14.88 16.44 14.36
C LYS B 80 14.53 17.59 13.45
N ARG B 81 13.40 17.46 12.78
CA ARG B 81 12.88 18.51 11.93
C ARG B 81 11.62 19.09 12.52
N LYS B 82 11.19 20.20 11.92
CA LYS B 82 10.08 21.00 12.42
C LYS B 82 8.87 20.90 11.51
N THR B 83 9.15 20.75 10.21
CA THR B 83 8.08 20.69 9.22
C THR B 83 7.79 19.26 8.83
N VAL B 84 6.51 18.90 8.86
CA VAL B 84 6.09 17.58 8.45
C VAL B 84 5.98 17.57 6.93
N THR B 85 6.62 16.59 6.30
CA THR B 85 6.57 16.54 4.85
C THR B 85 5.49 15.59 4.40
N ALA B 86 5.13 15.69 3.13
CA ALA B 86 4.13 14.78 2.60
C ALA B 86 4.62 13.35 2.71
N MET B 87 5.91 13.17 2.58
CA MET B 87 6.48 11.83 2.65
C MET B 87 6.31 11.22 4.03
N ASP B 88 6.18 12.06 5.04
CA ASP B 88 6.03 11.58 6.41
C ASP B 88 4.60 11.12 6.60
N VAL B 89 3.69 11.77 5.89
CA VAL B 89 2.30 11.35 5.89
C VAL B 89 2.20 10.02 5.18
N VAL B 90 2.95 9.87 4.08
CA VAL B 90 2.94 8.64 3.33
C VAL B 90 3.42 7.49 4.20
N TYR B 91 4.49 7.70 4.95
CA TYR B 91 4.99 6.65 5.84
C TYR B 91 3.94 6.31 6.89
N ALA B 92 3.27 7.33 7.40
CA ALA B 92 2.24 7.13 8.41
C ALA B 92 1.13 6.23 7.87
N LEU B 93 0.81 6.37 6.59
CA LEU B 93 -0.21 5.53 5.98
C LEU B 93 0.31 4.14 5.63
N LYS B 94 1.57 4.06 5.22
CA LYS B 94 2.14 2.79 4.79
C LYS B 94 1.98 1.71 5.83
N ARG B 95 2.20 2.07 7.08
CA ARG B 95 2.14 1.10 8.16
C ARG B 95 0.72 0.70 8.53
N GLN B 96 -0.25 1.43 8.00
CA GLN B 96 -1.64 1.14 8.30
C GLN B 96 -2.19 0.16 7.29
N GLY B 97 -1.35 -0.28 6.37
CA GLY B 97 -1.77 -1.16 5.30
C GLY B 97 -2.38 -0.37 4.16
N ARG B 98 -1.95 0.88 4.03
CA ARG B 98 -2.46 1.75 2.99
C ARG B 98 -1.32 2.48 2.30
N THR B 99 -1.51 2.84 1.05
CA THR B 99 -0.52 3.67 0.39
C THR B 99 -1.19 4.84 -0.30
N LEU B 100 -0.45 5.94 -0.45
CA LEU B 100 -0.96 7.08 -1.19
C LEU B 100 -0.15 7.29 -2.44
N TYR B 101 -0.67 6.84 -3.57
CA TYR B 101 0.10 6.93 -4.80
C TYR B 101 0.04 8.35 -5.33
N GLY B 102 1.16 8.82 -5.86
CA GLY B 102 1.25 10.17 -6.41
C GLY B 102 1.86 11.14 -5.42
N PHE B 103 2.03 10.70 -4.17
CA PHE B 103 2.61 11.56 -3.16
C PHE B 103 4.03 11.15 -2.77
N GLY B 104 4.43 9.94 -3.15
CA GLY B 104 5.74 9.42 -2.74
C GLY B 104 5.86 7.92 -2.96
N GLY B 105 6.88 7.33 -2.34
CA GLY B 105 7.15 5.89 -2.48
C GLY B 105 6.73 5.12 -1.24
N GLY C 12 18.30 1.92 39.49
CA GLY C 12 19.53 2.69 39.40
C GLY C 12 20.61 2.10 40.30
N LYS C 13 21.42 1.22 39.73
CA LYS C 13 22.48 0.56 40.47
C LYS C 13 23.77 1.36 40.47
N ALA C 14 24.63 1.08 41.44
CA ALA C 14 25.97 1.66 41.46
C ALA C 14 26.98 0.75 40.74
N ARG C 15 26.51 -0.39 40.27
CA ARG C 15 27.40 -1.38 39.66
C ARG C 15 27.41 -1.31 38.13
N ALA C 16 28.35 -0.55 37.57
CA ALA C 16 28.51 -0.45 36.13
C ALA C 16 29.75 -1.24 35.68
N LYS C 17 30.32 -1.99 36.61
CA LYS C 17 31.56 -2.72 36.37
C LYS C 17 31.34 -4.11 35.79
N ALA C 18 30.10 -4.56 35.76
CA ALA C 18 29.83 -5.94 35.39
C ALA C 18 30.33 -6.24 33.99
N LYS C 19 30.95 -7.40 33.83
CA LYS C 19 31.41 -7.83 32.52
C LYS C 19 30.23 -8.25 31.67
N THR C 20 29.32 -9.01 32.28
CA THR C 20 28.15 -9.42 31.56
C THR C 20 27.37 -8.16 31.22
N ARG C 21 27.16 -7.95 29.91
CA ARG C 21 26.47 -6.72 29.44
C ARG C 21 25.07 -6.64 30.04
N SER C 22 24.36 -7.77 30.15
CA SER C 22 23.00 -7.72 30.65
C SER C 22 23.03 -7.21 32.09
N SER C 23 24.01 -7.66 32.85
CA SER C 23 24.13 -7.23 34.23
C SER C 23 24.51 -5.76 34.29
N ARG C 24 25.47 -5.36 33.47
CA ARG C 24 25.87 -3.93 33.46
C ARG C 24 24.66 -3.06 33.10
N ALA C 25 23.79 -3.53 32.20
CA ALA C 25 22.64 -2.76 31.77
C ALA C 25 21.51 -2.83 32.79
N GLY C 26 21.69 -3.66 33.83
CA GLY C 26 20.67 -3.85 34.84
C GLY C 26 19.58 -4.80 34.35
N LEU C 27 19.86 -5.45 33.24
CA LEU C 27 18.91 -6.32 32.58
C LEU C 27 19.22 -7.79 32.78
N GLN C 28 18.24 -8.63 32.53
CA GLN C 28 18.45 -10.07 32.56
C GLN C 28 18.64 -10.59 31.14
N PHE C 29 18.02 -9.91 30.19
CA PHE C 29 18.09 -10.34 28.80
C PHE C 29 19.50 -10.22 28.25
N PRO C 30 19.90 -11.12 27.36
CA PRO C 30 21.23 -11.28 26.82
C PRO C 30 21.60 -10.17 25.85
N VAL C 31 21.94 -9.01 26.40
CA VAL C 31 22.26 -7.83 25.60
C VAL C 31 23.27 -8.15 24.53
N GLY C 32 24.29 -8.92 24.87
CA GLY C 32 25.32 -9.27 23.92
C GLY C 32 24.73 -10.00 22.72
N ARG C 33 23.70 -10.80 22.95
CA ARG C 33 23.08 -11.54 21.88
C ARG C 33 22.20 -10.63 21.07
N VAL C 34 21.53 -9.72 21.75
CA VAL C 34 20.63 -8.81 21.06
C VAL C 34 21.44 -8.02 20.04
N HIS C 35 22.64 -7.64 20.44
CA HIS C 35 23.58 -6.97 19.55
C HIS C 35 23.80 -7.82 18.30
N ARG C 36 24.09 -9.09 18.53
CA ARG C 36 24.32 -10.04 17.47
C ARG C 36 23.10 -10.21 16.57
N LEU C 37 21.93 -10.26 17.18
CA LEU C 37 20.70 -10.45 16.42
C LEU C 37 20.38 -9.23 15.58
N LEU C 38 20.65 -8.04 16.11
CA LEU C 38 20.45 -6.81 15.35
C LEU C 38 21.42 -6.74 14.21
N ARG C 39 22.64 -7.20 14.45
CA ARG C 39 23.68 -7.22 13.44
C ARG C 39 23.27 -8.05 12.26
N LYS C 40 22.65 -9.19 12.56
CA LYS C 40 22.15 -10.14 11.57
C LYS C 40 20.72 -9.81 11.15
N GLY C 41 20.27 -10.36 10.01
CA GLY C 41 18.93 -10.08 9.53
C GLY C 41 18.96 -8.90 8.57
N ASN C 42 20.16 -8.37 8.36
CA ASN C 42 20.38 -7.25 7.47
C ASN C 42 19.45 -6.08 7.77
N TYR C 43 19.29 -5.76 9.05
CA TYR C 43 18.46 -4.61 9.40
C TYR C 43 19.21 -3.33 9.11
N SER C 44 20.52 -3.40 9.26
CA SER C 44 21.40 -2.27 9.05
C SER C 44 22.79 -2.79 8.78
N GLU C 45 23.68 -1.88 8.36
CA GLU C 45 25.08 -2.27 8.09
C GLU C 45 25.89 -2.12 9.37
N ARG C 46 25.56 -1.10 10.17
CA ARG C 46 26.29 -0.87 11.45
C ARG C 46 25.30 -0.85 12.62
N VAL C 47 25.68 -1.44 13.75
CA VAL C 47 24.80 -1.45 14.96
C VAL C 47 25.53 -0.69 16.08
N GLY C 48 24.87 0.27 16.72
CA GLY C 48 25.51 1.08 17.77
C GLY C 48 25.64 0.33 19.08
N ALA C 49 26.31 0.93 20.08
CA ALA C 49 26.48 0.29 21.37
C ALA C 49 25.22 0.32 22.21
N GLY C 50 24.46 1.39 22.10
CA GLY C 50 23.26 1.52 22.92
C GLY C 50 22.05 0.88 22.26
N ALA C 51 22.19 0.43 21.02
CA ALA C 51 21.04 -0.11 20.33
C ALA C 51 20.48 -1.37 20.99
N PRO C 52 21.29 -2.43 21.22
CA PRO C 52 20.85 -3.68 21.77
C PRO C 52 20.50 -3.53 23.23
N VAL C 53 21.08 -2.53 23.86
CA VAL C 53 20.80 -2.26 25.25
C VAL C 53 19.40 -1.72 25.38
N TYR C 54 19.08 -0.74 24.54
CA TYR C 54 17.77 -0.13 24.56
C TYR C 54 16.73 -1.19 24.30
N LEU C 55 16.99 -1.99 23.26
CA LEU C 55 16.04 -3.01 22.85
C LEU C 55 15.89 -4.11 23.88
N ALA C 56 17.00 -4.54 24.48
CA ALA C 56 16.90 -5.59 25.48
C ALA C 56 16.00 -5.13 26.62
N ALA C 57 16.14 -3.87 27.01
CA ALA C 57 15.30 -3.34 28.08
C ALA C 57 13.84 -3.39 27.70
N VAL C 58 13.55 -3.08 26.44
CA VAL C 58 12.18 -3.09 25.97
C VAL C 58 11.61 -4.50 25.96
N LEU C 59 12.38 -5.44 25.44
CA LEU C 59 11.92 -6.81 25.34
C LEU C 59 11.68 -7.38 26.72
N GLU C 60 12.56 -7.06 27.65
CA GLU C 60 12.43 -7.57 29.01
C GLU C 60 11.23 -6.95 29.70
N TYR C 61 11.05 -5.65 29.52
CA TYR C 61 9.91 -4.98 30.14
C TYR C 61 8.61 -5.60 29.72
N LEU C 62 8.43 -5.78 28.42
CA LEU C 62 7.18 -6.34 27.92
C LEU C 62 7.01 -7.77 28.38
N THR C 63 8.11 -8.50 28.43
CA THR C 63 8.08 -9.87 28.87
C THR C 63 7.56 -9.93 30.30
N ALA C 64 8.08 -9.03 31.14
CA ALA C 64 7.66 -8.97 32.53
C ALA C 64 6.17 -8.66 32.66
N GLU C 65 5.68 -7.75 31.83
CA GLU C 65 4.27 -7.36 31.95
C GLU C 65 3.34 -8.50 31.60
N ILE C 66 3.69 -9.28 30.59
CA ILE C 66 2.85 -10.40 30.22
C ILE C 66 2.84 -11.41 31.34
N LEU C 67 4.02 -11.71 31.85
CA LEU C 67 4.16 -12.71 32.88
C LEU C 67 3.50 -12.28 34.18
N GLU C 68 3.55 -11.00 34.49
CA GLU C 68 2.90 -10.49 35.69
C GLU C 68 1.40 -10.71 35.60
N LEU C 69 0.84 -10.32 34.47
CA LEU C 69 -0.58 -10.43 34.26
C LEU C 69 -1.02 -11.89 34.16
N ALA C 70 -0.18 -12.71 33.53
CA ALA C 70 -0.48 -14.13 33.41
C ALA C 70 -0.44 -14.81 34.76
N GLY C 71 0.49 -14.39 35.61
CA GLY C 71 0.56 -14.93 36.95
C GLY C 71 -0.73 -14.61 37.68
N ASN C 72 -1.25 -13.41 37.45
CA ASN C 72 -2.53 -13.03 38.04
C ASN C 72 -3.65 -13.85 37.45
N ALA C 73 -3.59 -14.13 36.14
CA ALA C 73 -4.60 -14.95 35.51
C ALA C 73 -4.60 -16.35 36.10
N ALA C 74 -3.40 -16.86 36.40
CA ALA C 74 -3.30 -18.18 36.99
C ALA C 74 -3.99 -18.21 38.34
N ARG C 75 -3.83 -17.13 39.09
CA ARG C 75 -4.45 -17.02 40.39
C ARG C 75 -5.97 -16.92 40.28
N ASP C 76 -6.44 -16.24 39.25
CA ASP C 76 -7.87 -16.13 39.02
C ASP C 76 -8.48 -17.51 38.83
N ASN C 77 -7.71 -18.42 38.23
CA ASN C 77 -8.16 -19.78 38.02
C ASN C 77 -7.77 -20.69 39.17
N LYS C 78 -7.25 -20.10 40.24
CA LYS C 78 -6.85 -20.81 41.45
C LYS C 78 -5.66 -21.73 41.22
N LYS C 79 -4.71 -21.28 40.40
CA LYS C 79 -3.52 -22.05 40.09
C LYS C 79 -2.23 -21.34 40.47
N THR C 80 -1.16 -22.11 40.54
CA THR C 80 0.17 -21.63 40.87
C THR C 80 1.12 -21.73 39.68
N ARG C 81 0.54 -21.88 38.49
CA ARG C 81 1.33 -22.02 37.28
C ARG C 81 0.77 -21.25 36.09
N ILE C 82 1.66 -20.80 35.22
CA ILE C 82 1.26 -20.23 33.95
C ILE C 82 1.24 -21.26 32.82
N ILE C 83 0.12 -21.29 32.12
CA ILE C 83 -0.09 -22.13 30.96
C ILE C 83 -0.50 -21.18 29.83
N PRO C 84 -0.46 -21.59 28.55
CA PRO C 84 -0.78 -20.79 27.38
C PRO C 84 -2.08 -20.03 27.55
N ARG C 85 -3.04 -20.63 28.24
CA ARG C 85 -4.31 -19.97 28.48
C ARG C 85 -4.16 -18.74 29.35
N HIS C 86 -3.30 -18.82 30.35
CA HIS C 86 -3.16 -17.74 31.29
C HIS C 86 -2.47 -16.57 30.61
N LEU C 87 -1.61 -16.90 29.65
CA LEU C 87 -0.99 -15.87 28.85
C LEU C 87 -2.04 -15.19 27.99
N GLN C 88 -2.98 -15.98 27.45
CA GLN C 88 -4.02 -15.42 26.60
C GLN C 88 -4.92 -14.46 27.37
N LEU C 89 -5.26 -14.83 28.59
CA LEU C 89 -6.14 -13.99 29.40
C LEU C 89 -5.43 -12.69 29.75
N ALA C 90 -4.15 -12.79 30.05
CA ALA C 90 -3.34 -11.64 30.39
C ALA C 90 -3.29 -10.64 29.26
N ILE C 91 -3.15 -11.14 28.04
CA ILE C 91 -3.06 -10.28 26.89
C ILE C 91 -4.31 -9.45 26.74
N ARG C 92 -5.45 -10.08 26.89
CA ARG C 92 -6.72 -9.40 26.75
C ARG C 92 -7.03 -8.42 27.87
N ASN C 93 -6.66 -8.77 29.09
CA ASN C 93 -7.01 -7.94 30.23
C ASN C 93 -6.40 -6.54 30.11
N ASP C 94 -5.20 -6.47 29.56
CA ASP C 94 -4.53 -5.19 29.31
C ASP C 94 -4.77 -4.71 27.89
N GLU C 95 -5.54 -3.63 27.74
CA GLU C 95 -5.98 -3.19 26.42
C GLU C 95 -4.83 -2.85 25.48
N GLU C 96 -3.78 -2.25 26.03
CA GLU C 96 -2.65 -1.86 25.22
C GLU C 96 -1.87 -3.09 24.79
N LEU C 97 -1.76 -4.04 25.71
CA LEU C 97 -1.08 -5.28 25.43
C LEU C 97 -1.87 -6.05 24.40
N ASN C 98 -3.20 -6.00 24.52
CA ASN C 98 -4.08 -6.67 23.59
C ASN C 98 -3.83 -6.19 22.18
N LYS C 99 -3.74 -4.88 22.00
CA LYS C 99 -3.50 -4.36 20.67
C LYS C 99 -2.18 -4.86 20.11
N LEU C 100 -1.14 -4.83 20.93
CA LEU C 100 0.18 -5.21 20.48
C LEU C 100 0.15 -6.64 19.95
N LEU C 101 -0.58 -7.49 20.65
CA LEU C 101 -0.69 -8.90 20.28
C LEU C 101 -2.12 -9.28 19.89
N GLY C 102 -2.86 -8.34 19.34
CA GLY C 102 -4.28 -8.54 19.06
C GLY C 102 -4.54 -9.44 17.86
N ARG C 103 -3.49 -9.76 17.15
CA ARG C 103 -3.60 -10.58 15.96
C ARG C 103 -2.86 -11.88 16.13
N VAL C 104 -2.55 -12.21 17.36
CA VAL C 104 -1.81 -13.41 17.64
C VAL C 104 -2.73 -14.54 18.02
N THR C 105 -2.55 -15.67 17.35
CA THR C 105 -3.28 -16.87 17.72
C THR C 105 -2.43 -17.63 18.73
N ILE C 106 -3.02 -17.93 19.87
CA ILE C 106 -2.30 -18.63 20.91
C ILE C 106 -2.65 -20.10 20.89
N ALA C 107 -1.64 -20.95 20.81
CA ALA C 107 -1.91 -22.37 20.84
C ALA C 107 -2.69 -22.68 22.11
N GLN C 108 -3.86 -23.27 21.95
CA GLN C 108 -4.72 -23.60 23.07
C GLN C 108 -5.01 -22.40 23.97
N GLY C 109 -5.17 -21.22 23.37
CA GLY C 109 -5.46 -20.02 24.15
C GLY C 109 -6.93 -19.92 24.54
N GLY C 110 -7.82 -20.46 23.71
CA GLY C 110 -9.24 -20.32 23.95
C GLY C 110 -9.70 -18.88 23.68
N VAL C 111 -10.89 -18.54 24.16
CA VAL C 111 -11.46 -17.21 23.97
C VAL C 111 -11.98 -16.66 25.28
N LEU C 112 -12.33 -15.37 25.31
CA LEU C 112 -12.95 -14.79 26.49
C LEU C 112 -14.40 -15.23 26.60
N PRO C 113 -14.94 -15.32 27.83
CA PRO C 113 -16.31 -15.67 28.16
C PRO C 113 -17.26 -14.51 27.91
N ASN C 114 -17.35 -14.11 26.65
CA ASN C 114 -18.18 -12.98 26.26
C ASN C 114 -19.61 -13.41 25.92
N ILE C 115 -20.53 -13.08 26.82
CA ILE C 115 -21.94 -13.41 26.62
C ILE C 115 -22.73 -12.13 26.41
N GLN C 116 -23.47 -12.07 25.31
CA GLN C 116 -24.25 -10.89 24.97
C GLN C 116 -25.63 -10.91 25.61
N ALA C 117 -26.07 -9.74 26.07
CA ALA C 117 -27.36 -9.61 26.75
C ALA C 117 -28.53 -10.06 25.90
N VAL C 118 -28.43 -9.85 24.60
CA VAL C 118 -29.52 -10.18 23.68
C VAL C 118 -29.73 -11.69 23.57
N LEU C 119 -28.77 -12.47 24.03
CA LEU C 119 -28.85 -13.92 23.94
C LEU C 119 -29.42 -14.51 25.22
N LEU C 120 -29.66 -13.66 26.21
CA LEU C 120 -30.15 -14.11 27.50
C LEU C 120 -31.67 -14.19 27.49
N PRO C 121 -32.27 -15.05 28.32
CA PRO C 121 -33.70 -15.15 28.58
C PRO C 121 -34.30 -13.78 28.86
N SER D 36 23.61 -26.93 17.61
CA SER D 36 22.79 -27.52 16.56
C SER D 36 21.35 -27.06 16.69
N ARG D 37 21.13 -26.07 17.54
CA ARG D 37 19.79 -25.53 17.78
C ARG D 37 19.82 -24.02 17.89
N LYS D 38 18.77 -23.38 17.41
CA LYS D 38 18.61 -21.93 17.55
C LYS D 38 18.41 -21.58 19.02
N GLU D 39 19.04 -20.50 19.47
CA GLU D 39 18.94 -20.09 20.85
C GLU D 39 17.53 -19.66 21.21
N SER D 40 17.08 -20.07 22.38
CA SER D 40 15.80 -19.62 22.91
C SER D 40 16.05 -18.62 24.02
N TYR D 41 14.99 -18.04 24.53
CA TYR D 41 15.10 -17.10 25.63
C TYR D 41 14.50 -17.71 26.88
N SER D 42 14.26 -19.02 26.84
CA SER D 42 13.50 -19.66 27.91
C SER D 42 14.14 -19.49 29.27
N ILE D 43 15.46 -19.39 29.29
CA ILE D 43 16.15 -19.19 30.55
C ILE D 43 15.89 -17.79 31.10
N TYR D 44 15.78 -16.82 30.20
CA TYR D 44 15.61 -15.44 30.61
C TYR D 44 14.15 -15.17 30.95
N VAL D 45 13.25 -15.80 30.20
CA VAL D 45 11.84 -15.64 30.43
C VAL D 45 11.48 -16.20 31.79
N TYR D 46 12.04 -17.37 32.08
CA TYR D 46 11.82 -18.01 33.35
C TYR D 46 12.25 -17.10 34.49
N LYS D 47 13.43 -16.52 34.37
CA LYS D 47 13.96 -15.66 35.42
C LYS D 47 13.09 -14.42 35.60
N VAL D 48 12.61 -13.83 34.52
CA VAL D 48 11.77 -12.65 34.64
C VAL D 48 10.49 -12.98 35.40
N LEU D 49 9.90 -14.12 35.10
CA LEU D 49 8.66 -14.51 35.77
C LEU D 49 8.86 -14.54 37.27
N LYS D 50 9.94 -15.17 37.72
CA LYS D 50 10.13 -15.39 39.15
C LYS D 50 10.42 -14.10 39.88
N GLN D 51 10.86 -13.04 39.19
CA GLN D 51 11.09 -11.78 39.88
C GLN D 51 9.78 -11.07 40.20
N VAL D 52 8.69 -11.56 39.61
CA VAL D 52 7.39 -10.97 39.84
C VAL D 52 6.56 -11.93 40.68
N HIS D 53 6.59 -13.20 40.31
CA HIS D 53 5.82 -14.24 40.97
C HIS D 53 6.72 -15.43 41.30
N PRO D 54 7.55 -15.32 42.33
CA PRO D 54 8.63 -16.24 42.67
C PRO D 54 8.13 -17.64 43.03
N ASP D 55 6.85 -17.75 43.36
CA ASP D 55 6.25 -19.02 43.73
C ASP D 55 5.39 -19.59 42.61
N THR D 56 5.49 -19.00 41.41
CA THR D 56 4.69 -19.45 40.28
C THR D 56 5.55 -20.12 39.23
N GLY D 57 5.11 -21.30 38.80
CA GLY D 57 5.83 -22.04 37.78
C GLY D 57 5.26 -21.74 36.39
N ILE D 58 5.79 -22.42 35.38
CA ILE D 58 5.31 -22.19 34.02
C ILE D 58 5.56 -23.41 33.14
N SER D 59 4.57 -23.75 32.31
CA SER D 59 4.66 -24.94 31.46
C SER D 59 5.58 -24.71 30.28
N SER D 60 6.07 -25.81 29.69
CA SER D 60 6.93 -25.72 28.53
C SER D 60 6.22 -25.13 27.33
N LYS D 61 4.91 -25.33 27.27
CA LYS D 61 4.14 -24.76 26.19
C LYS D 61 4.03 -23.25 26.34
N ALA D 62 3.83 -22.80 27.58
CA ALA D 62 3.77 -21.39 27.85
C ALA D 62 5.10 -20.74 27.50
N MET D 63 6.19 -21.47 27.74
CA MET D 63 7.50 -20.94 27.39
C MET D 63 7.59 -20.80 25.89
N GLY D 64 7.04 -21.78 25.16
CA GLY D 64 7.02 -21.73 23.71
C GLY D 64 6.27 -20.51 23.21
N ILE D 65 5.20 -20.14 23.92
CA ILE D 65 4.44 -18.96 23.54
C ILE D 65 5.30 -17.73 23.76
N MET D 66 5.97 -17.68 24.91
CA MET D 66 6.79 -16.52 25.25
C MET D 66 8.00 -16.38 24.33
N ASN D 67 8.51 -17.51 23.83
CA ASN D 67 9.65 -17.43 22.92
C ASN D 67 9.20 -16.89 21.57
N SER D 68 8.02 -17.27 21.14
CA SER D 68 7.49 -16.73 19.89
C SER D 68 7.27 -15.23 20.06
N PHE D 69 6.79 -14.86 21.24
CA PHE D 69 6.55 -13.46 21.54
C PHE D 69 7.81 -12.61 21.46
N VAL D 70 8.88 -13.05 22.10
CA VAL D 70 10.09 -12.25 22.12
C VAL D 70 10.62 -12.04 20.72
N ASN D 71 10.61 -13.08 19.91
CA ASN D 71 11.12 -12.96 18.55
C ASN D 71 10.23 -12.06 17.70
N ASP D 72 8.94 -12.03 17.98
CA ASP D 72 8.03 -11.22 17.20
C ASP D 72 8.30 -9.74 17.47
N ILE D 73 8.44 -9.39 18.75
CA ILE D 73 8.67 -8.00 19.09
C ILE D 73 10.03 -7.55 18.62
N PHE D 74 11.03 -8.40 18.81
CA PHE D 74 12.38 -8.08 18.36
C PHE D 74 12.37 -7.76 16.88
N GLU D 75 11.76 -8.63 16.10
CA GLU D 75 11.76 -8.49 14.66
C GLU D 75 11.11 -7.19 14.22
N ARG D 76 9.99 -6.84 14.86
CA ARG D 76 9.29 -5.64 14.47
C ARG D 76 10.08 -4.39 14.76
N ILE D 77 10.69 -4.31 15.93
CA ILE D 77 11.40 -3.11 16.31
C ILE D 77 12.61 -2.94 15.44
N ALA D 78 13.34 -4.04 15.24
CA ALA D 78 14.51 -4.01 14.38
C ALA D 78 14.12 -3.62 12.96
N GLY D 79 12.95 -4.09 12.53
CA GLY D 79 12.43 -3.77 11.20
C GLY D 79 12.19 -2.28 11.04
N GLU D 80 11.51 -1.69 12.01
CA GLU D 80 11.22 -0.27 11.92
C GLU D 80 12.49 0.56 12.07
N ALA D 81 13.41 0.10 12.91
CA ALA D 81 14.65 0.80 13.08
C ALA D 81 15.40 0.84 11.76
N SER D 82 15.30 -0.25 11.00
CA SER D 82 15.91 -0.32 9.68
C SER D 82 15.30 0.74 8.77
N ARG D 83 13.98 0.85 8.80
CA ARG D 83 13.31 1.86 8.01
C ARG D 83 13.71 3.27 8.39
N LEU D 84 13.85 3.53 9.68
CA LEU D 84 14.22 4.87 10.09
C LEU D 84 15.61 5.22 9.57
N ALA D 85 16.51 4.25 9.64
CA ALA D 85 17.85 4.45 9.11
C ALA D 85 17.78 4.68 7.61
N HIS D 86 16.91 3.94 6.95
CA HIS D 86 16.76 4.05 5.50
C HIS D 86 16.22 5.43 5.12
N TYR D 87 15.22 5.89 5.87
CA TYR D 87 14.56 7.15 5.54
C TYR D 87 15.52 8.31 5.69
N ASN D 88 16.44 8.20 6.61
CA ASN D 88 17.39 9.28 6.85
C ASN D 88 18.70 9.04 6.12
N LYS D 89 18.69 8.07 5.22
CA LYS D 89 19.83 7.71 4.40
C LYS D 89 21.05 7.41 5.25
N ARG D 90 20.87 6.46 6.14
CA ARG D 90 21.91 6.04 7.07
C ARG D 90 22.22 4.56 6.96
N SER D 91 23.32 4.16 7.59
CA SER D 91 23.70 2.76 7.62
C SER D 91 23.68 2.21 9.05
N THR D 92 23.66 3.10 10.02
CA THR D 92 23.73 2.70 11.42
C THR D 92 22.41 2.85 12.16
N ILE D 93 22.09 1.85 12.98
CA ILE D 93 21.01 1.93 13.95
C ILE D 93 21.58 2.17 15.33
N THR D 94 21.03 3.17 16.03
CA THR D 94 21.47 3.50 17.37
C THR D 94 20.29 3.41 18.32
N SER D 95 20.52 3.77 19.57
CA SER D 95 19.49 3.73 20.58
C SER D 95 18.33 4.65 20.23
N ARG D 96 18.61 5.65 19.41
CA ARG D 96 17.60 6.63 19.05
C ARG D 96 16.55 6.04 18.12
N GLU D 97 17.01 5.25 17.17
CA GLU D 97 16.10 4.60 16.24
C GLU D 97 15.24 3.60 16.94
N ILE D 98 15.83 2.90 17.92
CA ILE D 98 15.05 1.94 18.66
C ILE D 98 13.96 2.67 19.41
N GLN D 99 14.30 3.80 20.03
CA GLN D 99 13.32 4.56 20.77
C GLN D 99 12.14 4.96 19.91
N THR D 100 12.42 5.49 18.73
CA THR D 100 11.36 5.91 17.83
C THR D 100 10.55 4.71 17.38
N ALA D 101 11.23 3.61 17.07
CA ALA D 101 10.58 2.41 16.61
C ALA D 101 9.61 1.88 17.67
N VAL D 102 9.98 1.99 18.94
CA VAL D 102 9.11 1.54 20.01
C VAL D 102 7.82 2.32 20.01
N ARG D 103 7.92 3.64 19.88
CA ARG D 103 6.73 4.48 19.88
C ARG D 103 5.83 4.20 18.70
N LEU D 104 6.41 3.90 17.56
CA LEU D 104 5.62 3.63 16.37
C LEU D 104 4.88 2.31 16.49
N LEU D 105 5.49 1.33 17.15
CA LEU D 105 4.92 0.00 17.25
C LEU D 105 4.04 -0.22 18.47
N LEU D 106 4.40 0.37 19.60
CA LEU D 106 3.65 0.11 20.82
C LEU D 106 2.70 1.27 21.09
N PRO D 107 1.51 0.98 21.62
CA PRO D 107 0.53 1.95 22.06
C PRO D 107 0.83 2.50 23.45
N GLY D 108 0.35 3.73 23.68
CA GLY D 108 0.07 4.26 25.00
C GLY D 108 1.19 4.14 26.02
N GLU D 109 0.79 3.74 27.23
CA GLU D 109 1.67 3.62 28.39
C GLU D 109 2.74 2.57 28.20
N LEU D 110 2.40 1.45 27.58
CA LEU D 110 3.42 0.41 27.41
C LEU D 110 4.56 0.96 26.58
N ALA D 111 4.23 1.73 25.56
CA ALA D 111 5.27 2.34 24.74
C ALA D 111 6.10 3.26 25.61
N LYS D 112 5.44 4.01 26.48
CA LYS D 112 6.12 4.94 27.35
C LYS D 112 7.11 4.28 28.29
N HIS D 113 6.68 3.22 28.96
CA HIS D 113 7.56 2.58 29.92
C HIS D 113 8.69 1.91 29.19
N ALA D 114 8.39 1.32 28.04
CA ALA D 114 9.43 0.72 27.24
C ALA D 114 10.48 1.76 26.89
N VAL D 115 10.02 2.97 26.57
CA VAL D 115 10.93 4.07 26.29
C VAL D 115 11.71 4.47 27.53
N SER D 116 11.03 4.57 28.66
CA SER D 116 11.70 4.97 29.89
C SER D 116 12.81 4.00 30.25
N GLU D 117 12.51 2.71 30.17
CA GLU D 117 13.48 1.68 30.54
C GLU D 117 14.62 1.61 29.55
N GLY D 118 14.29 1.73 28.26
CA GLY D 118 15.30 1.73 27.22
C GLY D 118 16.22 2.92 27.35
N THR D 119 15.62 4.10 27.53
CA THR D 119 16.38 5.32 27.64
C THR D 119 17.32 5.20 28.82
N LYS D 120 16.81 4.71 29.93
CA LYS D 120 17.61 4.50 31.10
C LYS D 120 18.75 3.55 30.86
N ALA D 121 18.44 2.39 30.28
CA ALA D 121 19.45 1.36 30.14
C ALA D 121 20.63 1.87 29.32
N VAL D 122 20.34 2.66 28.30
CA VAL D 122 21.40 3.19 27.46
C VAL D 122 22.12 4.37 28.12
N THR D 123 21.35 5.28 28.68
CA THR D 123 21.93 6.42 29.35
C THR D 123 22.89 5.91 30.39
N LYS D 124 22.46 4.85 31.06
CA LYS D 124 23.23 4.19 32.07
C LYS D 124 24.38 3.41 31.46
N TYR D 125 24.13 2.73 30.35
CA TYR D 125 25.12 1.87 29.72
C TYR D 125 26.42 2.59 29.43
N THR D 126 26.32 3.80 28.91
CA THR D 126 27.49 4.56 28.52
C THR D 126 28.08 5.36 29.68
N SER D 127 27.43 5.28 30.83
CA SER D 127 27.89 5.98 32.02
C SER D 127 28.92 5.16 32.78
N ALA D 128 29.59 5.79 33.73
CA ALA D 128 30.55 5.08 34.57
C ALA D 128 29.85 4.36 35.72
N HIS E 43 -39.12 -33.55 29.86
CA HIS E 43 -38.39 -32.84 30.90
C HIS E 43 -37.13 -32.25 30.27
N ARG E 44 -37.42 -31.70 29.08
CA ARG E 44 -36.36 -31.10 28.30
C ARG E 44 -35.96 -29.70 28.71
N TYR E 45 -34.67 -29.35 28.60
CA TYR E 45 -34.39 -27.96 28.86
C TYR E 45 -35.00 -27.21 27.69
N ARG E 46 -35.66 -26.10 27.97
CA ARG E 46 -36.29 -25.30 26.93
C ARG E 46 -35.23 -24.84 25.92
N PRO E 47 -35.53 -24.90 24.61
CA PRO E 47 -34.64 -24.49 23.54
C PRO E 47 -34.06 -23.12 23.79
N GLY E 48 -32.74 -23.02 23.64
CA GLY E 48 -32.01 -21.80 23.89
C GLY E 48 -31.29 -21.87 25.24
N THR E 49 -31.74 -22.77 26.11
CA THR E 49 -31.11 -22.94 27.41
C THR E 49 -29.77 -23.63 27.27
N VAL E 50 -29.78 -24.73 26.52
CA VAL E 50 -28.57 -25.50 26.35
C VAL E 50 -27.61 -24.74 25.44
N ALA E 51 -28.15 -24.18 24.36
CA ALA E 51 -27.32 -23.43 23.44
C ALA E 51 -26.58 -22.31 24.16
N LEU E 52 -27.24 -21.63 25.08
CA LEU E 52 -26.59 -20.56 25.82
C LEU E 52 -25.51 -21.15 26.73
N ARG E 53 -25.83 -22.26 27.37
CA ARG E 53 -24.87 -22.92 28.24
C ARG E 53 -23.65 -23.42 27.47
N GLU E 54 -23.88 -23.92 26.27
CA GLU E 54 -22.80 -24.43 25.45
C GLU E 54 -21.88 -23.31 25.00
N ILE E 55 -22.45 -22.13 24.73
CA ILE E 55 -21.60 -21.00 24.42
C ILE E 55 -20.67 -20.76 25.59
N ARG E 56 -21.23 -20.78 26.79
CA ARG E 56 -20.44 -20.56 27.99
C ARG E 56 -19.33 -21.60 28.12
N ARG E 57 -19.65 -22.86 27.85
CA ARG E 57 -18.67 -23.92 28.01
C ARG E 57 -17.56 -23.86 26.96
N TYR E 58 -17.92 -23.57 25.72
CA TYR E 58 -16.93 -23.55 24.67
C TYR E 58 -16.04 -22.32 24.78
N GLN E 59 -16.53 -21.31 25.48
CA GLN E 59 -15.71 -20.14 25.76
C GLN E 59 -14.81 -20.38 26.96
N LYS E 60 -14.90 -21.55 27.56
CA LYS E 60 -14.09 -21.90 28.70
C LYS E 60 -12.99 -22.87 28.32
N SER E 61 -13.31 -23.80 27.43
CA SER E 61 -12.37 -24.82 27.00
C SER E 61 -11.34 -24.26 26.03
N THR E 62 -10.26 -25.01 25.83
CA THR E 62 -9.21 -24.65 24.89
C THR E 62 -9.01 -25.76 23.88
N GLU E 63 -9.71 -26.85 24.11
CA GLU E 63 -9.61 -28.05 23.30
C GLU E 63 -10.05 -27.80 21.86
N LEU E 64 -9.47 -28.57 20.95
CA LEU E 64 -9.85 -28.52 19.55
C LEU E 64 -11.25 -29.09 19.38
N LEU E 65 -12.01 -28.52 18.45
CA LEU E 65 -13.39 -28.92 18.24
C LEU E 65 -13.53 -29.78 16.99
N ILE E 66 -12.66 -29.53 16.01
CA ILE E 66 -12.67 -30.30 14.77
C ILE E 66 -11.86 -31.59 14.96
N ARG E 67 -12.43 -32.71 14.55
CA ARG E 67 -11.75 -33.99 14.70
C ARG E 67 -10.45 -34.00 13.92
N LYS E 68 -9.42 -34.59 14.51
CA LYS E 68 -8.09 -34.47 13.95
C LYS E 68 -7.89 -35.22 12.64
N LEU E 69 -8.31 -36.47 12.57
CA LEU E 69 -8.06 -37.21 11.35
C LEU E 69 -8.80 -36.63 10.14
N PRO E 70 -10.11 -36.34 10.23
CA PRO E 70 -10.87 -35.66 9.21
C PRO E 70 -10.23 -34.36 8.79
N PHE E 71 -9.72 -33.61 9.76
CA PHE E 71 -9.06 -32.35 9.42
C PHE E 71 -7.83 -32.61 8.59
N GLN E 72 -7.01 -33.55 9.04
CA GLN E 72 -5.77 -33.84 8.34
C GLN E 72 -6.05 -34.25 6.91
N ARG E 73 -7.08 -35.07 6.72
CA ARG E 73 -7.38 -35.52 5.39
C ARG E 73 -7.81 -34.38 4.49
N LEU E 74 -8.58 -33.45 5.03
CA LEU E 74 -9.00 -32.29 4.26
C LEU E 74 -7.79 -31.49 3.82
N VAL E 75 -6.82 -31.35 4.70
CA VAL E 75 -5.62 -30.62 4.37
C VAL E 75 -4.91 -31.28 3.20
N ARG E 76 -4.77 -32.59 3.26
CA ARG E 76 -4.10 -33.32 2.22
C ARG E 76 -4.71 -33.27 0.83
N GLU E 77 -6.02 -33.51 0.76
CA GLU E 77 -6.77 -33.47 -0.53
C GLU E 77 -6.66 -32.07 -1.19
N ILE E 78 -6.60 -31.04 -0.34
CA ILE E 78 -6.42 -29.66 -0.80
C ILE E 78 -5.00 -29.60 -1.32
N ALA E 79 -4.06 -30.12 -0.55
CA ALA E 79 -2.66 -30.06 -0.94
C ALA E 79 -2.42 -30.70 -2.29
N GLN E 80 -3.18 -31.75 -2.59
CA GLN E 80 -3.02 -32.48 -3.85
C GLN E 80 -3.38 -31.65 -5.06
N ASP E 81 -4.06 -30.52 -4.85
CA ASP E 81 -4.41 -29.65 -5.95
C ASP E 81 -3.19 -28.86 -6.41
N PHE E 82 -2.13 -28.91 -5.61
CA PHE E 82 -0.90 -28.23 -5.95
C PHE E 82 0.14 -29.26 -6.31
N LYS E 83 0.22 -30.34 -5.51
CA LYS E 83 1.17 -31.43 -5.72
C LYS E 83 0.77 -32.73 -5.01
N THR E 84 0.97 -33.88 -5.68
CA THR E 84 0.77 -35.16 -5.02
C THR E 84 2.02 -35.64 -4.29
N ASP E 85 1.87 -36.67 -3.48
CA ASP E 85 2.99 -37.27 -2.75
C ASP E 85 3.72 -36.25 -1.88
N LEU E 86 2.94 -35.38 -1.23
CA LEU E 86 3.48 -34.36 -0.35
C LEU E 86 3.34 -34.81 1.11
N ARG E 87 4.27 -34.40 1.96
CA ARG E 87 4.20 -34.75 3.37
C ARG E 87 4.07 -33.54 4.28
N PHE E 88 3.59 -33.80 5.51
CA PHE E 88 3.50 -32.76 6.52
C PHE E 88 4.02 -33.24 7.85
N GLN E 89 4.64 -32.35 8.61
CA GLN E 89 4.98 -32.65 9.98
C GLN E 89 3.72 -32.74 10.80
N SER E 90 3.70 -33.63 11.78
CA SER E 90 2.49 -33.77 12.58
C SER E 90 2.15 -32.46 13.28
N SER E 91 3.18 -31.70 13.62
CA SER E 91 2.99 -30.42 14.29
C SER E 91 2.50 -29.35 13.32
N ALA E 92 2.74 -29.56 12.03
CA ALA E 92 2.32 -28.60 11.02
C ALA E 92 0.82 -28.67 10.85
N VAL E 93 0.30 -29.89 10.98
CA VAL E 93 -1.12 -30.08 10.82
C VAL E 93 -1.84 -29.44 11.99
N MET E 94 -1.30 -29.63 13.19
CA MET E 94 -1.87 -29.01 14.37
C MET E 94 -1.74 -27.50 14.33
N ALA E 95 -0.63 -27.01 13.80
CA ALA E 95 -0.44 -25.57 13.69
C ALA E 95 -1.50 -24.97 12.80
N LEU E 96 -1.80 -25.68 11.71
CA LEU E 96 -2.79 -25.21 10.77
C LEU E 96 -4.18 -25.26 11.37
N GLN E 97 -4.48 -26.32 12.11
CA GLN E 97 -5.81 -26.44 12.69
C GLN E 97 -6.07 -25.35 13.70
N GLU E 98 -5.07 -25.00 14.51
CA GLU E 98 -5.27 -23.96 15.50
C GLU E 98 -5.66 -22.66 14.83
N ALA E 99 -4.98 -22.37 13.72
CA ALA E 99 -5.28 -21.16 12.98
C ALA E 99 -6.67 -21.22 12.38
N CYS E 100 -7.07 -22.40 11.92
CA CYS E 100 -8.35 -22.55 11.25
C CYS E 100 -9.51 -22.35 12.20
N GLU E 101 -9.41 -22.93 13.39
CA GLU E 101 -10.49 -22.77 14.34
C GLU E 101 -10.56 -21.33 14.82
N ALA E 102 -9.40 -20.75 15.10
CA ALA E 102 -9.39 -19.37 15.55
C ALA E 102 -10.02 -18.46 14.50
N TYR E 103 -9.71 -18.74 13.24
CA TYR E 103 -10.28 -17.99 12.14
C TYR E 103 -11.79 -18.11 12.08
N LEU E 104 -12.30 -19.32 12.15
CA LEU E 104 -13.74 -19.52 12.05
C LEU E 104 -14.47 -18.93 13.24
N VAL E 105 -13.88 -19.04 14.43
CA VAL E 105 -14.56 -18.51 15.59
C VAL E 105 -14.67 -16.99 15.49
N GLY E 106 -13.57 -16.35 15.08
CA GLY E 106 -13.59 -14.90 14.93
C GLY E 106 -14.63 -14.48 13.91
N LEU E 107 -14.77 -15.26 12.84
CA LEU E 107 -15.78 -14.95 11.84
C LEU E 107 -17.17 -15.13 12.43
N PHE E 108 -17.36 -16.17 13.22
CA PHE E 108 -18.66 -16.39 13.83
C PHE E 108 -19.02 -15.27 14.78
N GLU E 109 -18.05 -14.72 15.49
CA GLU E 109 -18.34 -13.61 16.39
C GLU E 109 -18.87 -12.41 15.62
N ASP E 110 -18.26 -12.11 14.48
CA ASP E 110 -18.69 -10.97 13.67
C ASP E 110 -20.02 -11.29 13.02
N THR E 111 -20.19 -12.54 12.66
CA THR E 111 -21.42 -13.01 12.06
C THR E 111 -22.56 -12.84 13.05
N ASN E 112 -22.28 -13.18 14.30
CA ASN E 112 -23.27 -13.09 15.35
C ASN E 112 -23.69 -11.64 15.55
N LEU E 113 -22.72 -10.72 15.47
CA LEU E 113 -23.03 -9.30 15.62
C LEU E 113 -23.95 -8.85 14.50
N CYS E 114 -23.73 -9.36 13.30
CA CYS E 114 -24.54 -8.99 12.16
C CYS E 114 -25.99 -9.41 12.38
N ALA E 115 -26.18 -10.63 12.90
CA ALA E 115 -27.52 -11.12 13.19
C ALA E 115 -28.17 -10.29 14.29
N ILE E 116 -27.38 -9.87 15.25
CA ILE E 116 -27.87 -9.03 16.34
C ILE E 116 -28.31 -7.68 15.77
N HIS E 117 -27.52 -7.16 14.84
CA HIS E 117 -27.84 -5.90 14.18
C HIS E 117 -29.16 -6.00 13.42
N ALA E 118 -29.44 -7.21 12.94
CA ALA E 118 -30.68 -7.50 12.23
C ALA E 118 -31.82 -7.73 13.22
N LYS E 119 -31.58 -7.48 14.50
CA LYS E 119 -32.58 -7.69 15.54
C LYS E 119 -33.04 -9.12 15.63
N ARG E 120 -32.13 -10.08 15.66
CA ARG E 120 -32.52 -11.48 15.78
C ARG E 120 -31.39 -12.34 16.33
N VAL E 121 -31.65 -13.63 16.46
CA VAL E 121 -30.65 -14.55 16.99
C VAL E 121 -30.10 -15.49 15.93
N THR E 122 -30.99 -16.00 15.08
CA THR E 122 -30.62 -17.02 14.12
C THR E 122 -29.64 -16.48 13.09
N ILE E 123 -28.60 -17.26 12.81
CA ILE E 123 -27.59 -16.88 11.84
C ILE E 123 -27.93 -17.36 10.44
N MET E 124 -27.86 -16.45 9.49
CA MET E 124 -28.07 -16.77 8.08
C MET E 124 -26.76 -16.59 7.30
N PRO E 125 -26.58 -17.26 6.16
CA PRO E 125 -25.41 -17.18 5.30
C PRO E 125 -25.04 -15.75 4.98
N LYS E 126 -26.06 -14.91 4.87
CA LYS E 126 -25.91 -13.49 4.63
C LYS E 126 -25.12 -12.80 5.73
N ASP E 127 -25.30 -13.25 6.97
CA ASP E 127 -24.69 -12.58 8.09
C ASP E 127 -23.20 -12.87 8.02
N ILE E 128 -22.88 -14.06 7.51
CA ILE E 128 -21.48 -14.41 7.32
C ILE E 128 -20.90 -13.58 6.21
N GLN E 129 -21.62 -13.48 5.12
CA GLN E 129 -21.14 -12.76 3.95
C GLN E 129 -20.94 -11.28 4.24
N LEU E 130 -21.84 -10.69 5.03
CA LEU E 130 -21.69 -9.30 5.37
C LEU E 130 -20.43 -9.09 6.17
N ALA E 131 -20.19 -9.95 7.16
CA ALA E 131 -19.00 -9.81 7.98
C ALA E 131 -17.75 -9.95 7.13
N ARG E 132 -17.77 -10.89 6.19
CA ARG E 132 -16.61 -11.11 5.35
C ARG E 132 -16.33 -9.93 4.45
N ARG E 133 -17.40 -9.38 3.90
CA ARG E 133 -17.24 -8.26 3.01
C ARG E 133 -16.59 -7.11 3.73
N ILE E 134 -17.07 -6.84 4.92
CA ILE E 134 -16.56 -5.73 5.70
C ILE E 134 -15.10 -5.96 6.04
N ARG E 135 -14.75 -7.21 6.35
CA ARG E 135 -13.39 -7.60 6.64
C ARG E 135 -12.48 -7.53 5.41
N GLY E 136 -13.09 -7.45 4.22
CA GLY E 136 -12.33 -7.35 2.98
C GLY E 136 -11.88 -8.71 2.45
N GLU E 137 -12.64 -9.75 2.78
CA GLU E 137 -12.30 -11.10 2.33
C GLU E 137 -12.93 -11.42 0.99
N LEU F 26 -6.99 -39.34 -1.67
CA LEU F 26 -8.42 -39.46 -1.29
C LEU F 26 -9.18 -38.21 -1.74
N ARG F 27 -10.50 -38.17 -1.48
CA ARG F 27 -11.35 -36.99 -1.83
C ARG F 27 -12.45 -36.81 -0.77
N ASP F 28 -13.35 -35.84 -0.98
CA ASP F 28 -14.49 -35.56 -0.07
C ASP F 28 -14.16 -35.48 1.44
N ASN F 29 -13.17 -34.67 1.81
CA ASN F 29 -12.81 -34.48 3.25
C ASN F 29 -13.53 -33.24 3.97
N ILE F 30 -14.21 -32.47 3.10
CA ILE F 30 -15.05 -31.30 3.49
C ILE F 30 -16.27 -31.74 4.30
N GLN F 31 -16.61 -33.03 4.18
CA GLN F 31 -17.70 -33.60 4.95
C GLN F 31 -17.16 -34.13 6.27
N GLY F 32 -15.85 -34.12 6.40
CA GLY F 32 -15.18 -34.57 7.61
C GLY F 32 -15.35 -33.52 8.69
N ILE F 33 -15.80 -32.34 8.29
CA ILE F 33 -16.10 -31.30 9.25
C ILE F 33 -17.58 -31.42 9.54
N THR F 34 -17.87 -32.07 10.66
CA THR F 34 -19.22 -32.48 10.98
C THR F 34 -20.04 -31.31 11.44
N LYS F 35 -21.36 -31.49 11.48
CA LYS F 35 -22.22 -30.43 11.94
C LYS F 35 -21.87 -29.95 13.34
N PRO F 36 -21.72 -30.85 14.33
CA PRO F 36 -21.24 -30.54 15.64
C PRO F 36 -19.93 -29.76 15.62
N ALA F 37 -19.00 -30.13 14.74
CA ALA F 37 -17.75 -29.40 14.71
C ALA F 37 -17.98 -27.94 14.34
N ILE F 38 -18.86 -27.73 13.36
CA ILE F 38 -19.19 -26.38 12.93
C ILE F 38 -19.94 -25.64 14.01
N ARG F 39 -20.89 -26.33 14.59
CA ARG F 39 -21.73 -25.76 15.62
C ARG F 39 -20.94 -25.35 16.85
N ARG F 40 -20.04 -26.22 17.28
CA ARG F 40 -19.28 -25.95 18.48
C ARG F 40 -18.41 -24.72 18.30
N LEU F 41 -17.84 -24.56 17.11
CA LEU F 41 -17.08 -23.35 16.82
C LEU F 41 -17.98 -22.14 16.87
N ALA F 42 -19.16 -22.26 16.29
CA ALA F 42 -20.10 -21.16 16.27
C ALA F 42 -20.51 -20.80 17.69
N ARG F 43 -20.66 -21.81 18.54
CA ARG F 43 -21.03 -21.61 19.93
C ARG F 43 -19.94 -20.89 20.69
N ARG F 44 -18.71 -21.27 20.43
CA ARG F 44 -17.60 -20.60 21.08
C ARG F 44 -17.61 -19.12 20.72
N GLY F 45 -18.09 -18.80 19.52
CA GLY F 45 -18.18 -17.44 19.04
C GLY F 45 -19.44 -16.70 19.52
N GLY F 46 -20.29 -17.38 20.29
CA GLY F 46 -21.49 -16.76 20.82
C GLY F 46 -22.78 -17.01 20.02
N VAL F 47 -22.75 -17.95 19.09
CA VAL F 47 -23.94 -18.25 18.31
C VAL F 47 -24.84 -19.29 18.95
N LYS F 48 -26.13 -18.97 19.06
CA LYS F 48 -27.08 -19.92 19.63
C LYS F 48 -27.80 -20.74 18.57
N ARG F 49 -28.16 -20.09 17.47
CA ARG F 49 -29.00 -20.73 16.49
C ARG F 49 -28.42 -20.67 15.09
N ILE F 50 -28.32 -21.83 14.49
CA ILE F 50 -27.66 -21.95 13.21
C ILE F 50 -28.61 -22.41 12.11
N SER F 51 -28.79 -21.59 11.08
CA SER F 51 -29.59 -22.01 9.95
C SER F 51 -28.95 -23.19 9.25
N GLY F 52 -29.77 -24.05 8.67
CA GLY F 52 -29.27 -25.25 8.00
C GLY F 52 -28.39 -24.90 6.81
N LEU F 53 -28.48 -23.67 6.35
CA LEU F 53 -27.70 -23.22 5.21
C LEU F 53 -26.27 -22.85 5.61
N ILE F 54 -26.06 -22.63 6.90
CA ILE F 54 -24.78 -22.17 7.41
C ILE F 54 -23.70 -23.20 7.24
N TYR F 55 -24.05 -24.45 7.46
CA TYR F 55 -23.06 -25.49 7.45
C TYR F 55 -22.31 -25.52 6.13
N GLU F 56 -23.03 -25.33 5.04
CA GLU F 56 -22.39 -25.34 3.72
C GLU F 56 -21.60 -24.07 3.48
N GLU F 57 -22.13 -22.94 3.94
CA GLU F 57 -21.46 -21.67 3.72
C GLU F 57 -20.16 -21.62 4.52
N THR F 58 -20.20 -22.18 5.72
CA THR F 58 -19.05 -22.20 6.61
C THR F 58 -17.94 -23.00 5.98
N ARG F 59 -18.30 -24.14 5.40
CA ARG F 59 -17.34 -25.00 4.74
C ARG F 59 -16.66 -24.30 3.59
N GLY F 60 -17.43 -23.56 2.80
CA GLY F 60 -16.84 -22.84 1.69
C GLY F 60 -15.76 -21.89 2.20
N VAL F 61 -16.07 -21.20 3.29
CA VAL F 61 -15.12 -20.27 3.89
C VAL F 61 -13.89 -20.97 4.44
N LEU F 62 -14.10 -22.07 5.17
CA LEU F 62 -12.97 -22.81 5.72
C LEU F 62 -12.06 -23.29 4.62
N LYS F 63 -12.67 -23.81 3.57
CA LYS F 63 -11.89 -24.36 2.48
C LYS F 63 -10.99 -23.30 1.86
N VAL F 64 -11.53 -22.11 1.65
CA VAL F 64 -10.73 -21.05 1.07
C VAL F 64 -9.57 -20.68 1.97
N PHE F 65 -9.83 -20.58 3.26
CA PHE F 65 -8.78 -20.28 4.22
C PHE F 65 -7.66 -21.31 4.10
N LEU F 66 -8.04 -22.58 4.09
CA LEU F 66 -7.06 -23.65 3.99
C LEU F 66 -6.30 -23.59 2.67
N GLU F 67 -7.00 -23.31 1.58
CA GLU F 67 -6.34 -23.29 0.29
C GLU F 67 -5.24 -22.25 0.25
N ASN F 68 -5.52 -21.07 0.78
CA ASN F 68 -4.54 -19.99 0.71
C ASN F 68 -3.35 -20.27 1.62
N VAL F 69 -3.61 -20.80 2.81
CA VAL F 69 -2.54 -21.05 3.74
C VAL F 69 -1.70 -22.23 3.32
N ILE F 70 -2.35 -23.30 2.88
CA ILE F 70 -1.63 -24.48 2.46
C ILE F 70 -0.79 -24.17 1.24
N ARG F 71 -1.37 -23.50 0.27
CA ARG F 71 -0.64 -23.23 -0.95
C ARG F 71 0.65 -22.48 -0.68
N ASP F 72 0.60 -21.50 0.21
CA ASP F 72 1.81 -20.75 0.50
C ASP F 72 2.81 -21.62 1.26
N ALA F 73 2.32 -22.44 2.19
CA ALA F 73 3.20 -23.32 2.94
C ALA F 73 3.91 -24.27 2.00
N VAL F 74 3.19 -24.72 0.99
CA VAL F 74 3.76 -25.60 -0.02
C VAL F 74 4.78 -24.83 -0.85
N THR F 75 4.42 -23.61 -1.23
CA THR F 75 5.31 -22.78 -2.01
C THR F 75 6.65 -22.58 -1.32
N TYR F 76 6.60 -22.32 -0.02
CA TYR F 76 7.84 -22.18 0.75
C TYR F 76 8.62 -23.49 0.77
N THR F 77 7.89 -24.59 0.90
CA THR F 77 8.51 -25.90 0.94
C THR F 77 9.22 -26.19 -0.38
N GLU F 78 8.57 -25.85 -1.49
CA GLU F 78 9.14 -26.04 -2.81
C GLU F 78 10.38 -25.18 -3.02
N HIS F 79 10.33 -23.95 -2.53
CA HIS F 79 11.48 -23.06 -2.66
C HIS F 79 12.70 -23.65 -2.00
N ALA F 80 12.47 -24.34 -0.90
CA ALA F 80 13.53 -24.98 -0.13
C ALA F 80 13.98 -26.28 -0.79
N LYS F 81 13.35 -26.62 -1.91
CA LYS F 81 13.70 -27.82 -2.67
C LYS F 81 13.57 -29.06 -1.84
N ARG F 82 12.47 -29.18 -1.11
CA ARG F 82 12.23 -30.34 -0.30
C ARG F 82 10.78 -30.77 -0.38
N LYS F 83 10.47 -31.87 0.30
CA LYS F 83 9.25 -32.62 0.07
C LYS F 83 8.29 -32.50 1.25
N THR F 84 8.84 -32.33 2.45
CA THR F 84 8.00 -32.27 3.65
C THR F 84 7.72 -30.83 4.05
N VAL F 85 6.46 -30.53 4.31
CA VAL F 85 6.06 -29.22 4.78
C VAL F 85 6.27 -29.15 6.27
N THR F 86 6.99 -28.14 6.74
CA THR F 86 7.24 -28.04 8.16
C THR F 86 6.27 -27.09 8.83
N ALA F 87 6.23 -27.14 10.15
CA ALA F 87 5.36 -26.24 10.89
C ALA F 87 5.72 -24.80 10.60
N MET F 88 7.00 -24.55 10.40
CA MET F 88 7.46 -23.19 10.11
C MET F 88 6.93 -22.68 8.79
N ASP F 89 6.64 -23.59 7.87
CA ASP F 89 6.19 -23.18 6.56
C ASP F 89 4.73 -22.79 6.66
N VAL F 90 4.02 -23.43 7.57
CA VAL F 90 2.65 -23.06 7.87
C VAL F 90 2.64 -21.69 8.52
N VAL F 91 3.59 -21.47 9.41
CA VAL F 91 3.69 -20.19 10.09
C VAL F 91 3.92 -19.04 9.11
N TYR F 92 4.81 -19.23 8.16
CA TYR F 92 5.06 -18.18 7.19
C TYR F 92 3.83 -17.93 6.32
N ALA F 93 3.13 -19.01 5.98
CA ALA F 93 1.94 -18.88 5.19
C ALA F 93 0.89 -18.04 5.90
N LEU F 94 0.78 -18.24 7.22
CA LEU F 94 -0.15 -17.49 8.05
C LEU F 94 0.32 -16.06 8.25
N LYS F 95 1.63 -15.90 8.33
CA LYS F 95 2.24 -14.61 8.58
C LYS F 95 1.85 -13.59 7.52
N ARG F 96 1.71 -14.05 6.29
CA ARG F 96 1.37 -13.15 5.20
C ARG F 96 -0.12 -12.90 5.09
N GLN F 97 -0.89 -13.51 5.98
CA GLN F 97 -2.32 -13.27 6.01
C GLN F 97 -2.59 -12.17 7.03
N GLY F 98 -1.52 -11.66 7.63
CA GLY F 98 -1.64 -10.65 8.66
C GLY F 98 -1.86 -11.28 10.02
N ARG F 99 -1.41 -12.51 10.19
CA ARG F 99 -1.59 -13.23 11.45
C ARG F 99 -0.32 -13.85 11.95
N THR F 100 -0.21 -14.02 13.25
CA THR F 100 0.87 -14.84 13.75
C THR F 100 0.32 -15.92 14.64
N LEU F 101 1.10 -16.97 14.83
CA LEU F 101 0.72 -18.09 15.65
C LEU F 101 1.84 -18.43 16.60
N TYR F 102 1.56 -18.38 17.89
CA TYR F 102 2.60 -18.59 18.89
C TYR F 102 2.59 -20.00 19.43
N GLY F 103 3.78 -20.51 19.74
CA GLY F 103 3.93 -21.83 20.35
C GLY F 103 4.40 -22.89 19.35
N PHE F 104 4.58 -22.50 18.10
CA PHE F 104 5.02 -23.42 17.06
C PHE F 104 6.34 -23.02 16.43
N GLY F 105 7.14 -22.27 17.18
CA GLY F 105 8.44 -21.82 16.68
C GLY F 105 8.68 -20.35 16.98
N GLY G 12 11.11 -13.09 -28.33
CA GLY G 12 12.09 -12.05 -28.06
C GLY G 12 13.02 -11.85 -29.24
N LYS G 13 14.12 -11.15 -29.02
CA LYS G 13 15.05 -10.85 -30.10
C LYS G 13 15.74 -12.11 -30.62
N ALA G 14 16.04 -12.11 -31.91
CA ALA G 14 16.70 -13.24 -32.57
C ALA G 14 18.21 -13.09 -32.59
N ARG G 15 18.72 -12.08 -31.91
CA ARG G 15 20.15 -11.78 -31.94
C ARG G 15 20.76 -11.85 -30.55
N ALA G 16 22.06 -12.13 -30.49
CA ALA G 16 22.81 -12.05 -29.23
C ALA G 16 23.23 -10.62 -28.94
N LYS G 17 23.33 -9.81 -29.99
CA LYS G 17 23.84 -8.44 -29.90
C LYS G 17 23.04 -7.58 -28.92
N ALA G 18 23.78 -6.79 -28.15
CA ALA G 18 23.20 -5.86 -27.19
C ALA G 18 24.07 -4.61 -27.07
N LYS G 19 23.44 -3.51 -26.68
CA LYS G 19 24.16 -2.28 -26.41
C LYS G 19 24.16 -1.97 -24.93
N THR G 20 23.07 -2.36 -24.27
CA THR G 20 22.90 -2.13 -22.85
C THR G 20 22.42 -3.41 -22.20
N ARG G 21 22.52 -3.48 -20.88
CA ARG G 21 22.05 -4.63 -20.14
C ARG G 21 20.57 -4.90 -20.40
N SER G 22 19.79 -3.83 -20.47
CA SER G 22 18.37 -3.98 -20.71
C SER G 22 18.13 -4.49 -22.13
N SER G 23 18.91 -3.98 -23.08
CA SER G 23 18.79 -4.42 -24.46
C SER G 23 19.29 -5.86 -24.61
N ARG G 24 20.16 -6.26 -23.69
CA ARG G 24 20.64 -7.64 -23.64
C ARG G 24 19.52 -8.56 -23.18
N ALA G 25 18.81 -8.14 -22.14
CA ALA G 25 17.68 -8.90 -21.64
C ALA G 25 16.50 -8.85 -22.61
N GLY G 26 16.39 -7.74 -23.35
CA GLY G 26 15.28 -7.53 -24.25
C GLY G 26 14.16 -6.77 -23.56
N LEU G 27 14.52 -6.09 -22.46
CA LEU G 27 13.59 -5.34 -21.65
C LEU G 27 13.75 -3.85 -21.86
N GLN G 28 12.75 -3.08 -21.44
CA GLN G 28 12.82 -1.63 -21.54
C GLN G 28 13.28 -1.03 -20.21
N PHE G 29 12.91 -1.69 -19.12
CA PHE G 29 13.27 -1.21 -17.79
C PHE G 29 14.77 -1.18 -17.59
N PRO G 30 15.28 -0.31 -16.72
CA PRO G 30 16.68 -0.08 -16.44
C PRO G 30 17.25 -1.21 -15.61
N VAL G 31 17.51 -2.35 -16.26
CA VAL G 31 17.89 -3.55 -15.53
C VAL G 31 19.09 -3.28 -14.65
N GLY G 32 20.04 -2.51 -15.16
CA GLY G 32 21.25 -2.20 -14.41
C GLY G 32 20.92 -1.48 -13.11
N ARG G 33 19.88 -0.65 -13.14
CA ARG G 33 19.49 0.08 -11.96
C ARG G 33 18.78 -0.83 -10.99
N VAL G 34 17.98 -1.72 -11.52
CA VAL G 34 17.25 -2.65 -10.67
C VAL G 34 18.26 -3.43 -9.86
N HIS G 35 19.35 -3.83 -10.50
CA HIS G 35 20.40 -4.57 -9.83
C HIS G 35 20.97 -3.71 -8.73
N ARG G 36 21.21 -2.44 -9.05
CA ARG G 36 21.72 -1.50 -8.09
C ARG G 36 20.79 -1.29 -6.90
N LEU G 37 19.51 -1.17 -7.17
CA LEU G 37 18.54 -0.93 -6.12
C LEU G 37 18.45 -2.12 -5.18
N LEU G 38 18.65 -3.31 -5.72
CA LEU G 38 18.59 -4.52 -4.91
C LEU G 38 19.79 -4.64 -3.97
N ARG G 39 20.82 -3.83 -4.19
CA ARG G 39 22.00 -3.88 -3.35
C ARG G 39 21.82 -3.00 -2.15
N LYS G 40 20.75 -2.20 -2.18
CA LYS G 40 20.47 -1.19 -1.16
C LYS G 40 19.18 -1.59 -0.44
N GLY G 41 18.95 -1.06 0.75
CA GLY G 41 17.78 -1.41 1.53
C GLY G 41 18.10 -2.64 2.35
N ASN G 42 19.34 -3.09 2.25
CA ASN G 42 19.85 -4.25 2.96
C ASN G 42 18.99 -5.49 2.77
N TYR G 43 18.56 -5.74 1.54
CA TYR G 43 17.75 -6.93 1.29
C TYR G 43 18.60 -8.18 1.44
N SER G 44 19.84 -8.08 1.03
CA SER G 44 20.78 -9.18 1.11
C SER G 44 22.20 -8.65 1.02
N GLU G 45 23.15 -9.48 1.44
CA GLU G 45 24.58 -9.08 1.33
C GLU G 45 25.03 -9.25 -0.12
N ARG G 46 24.47 -10.23 -0.83
CA ARG G 46 24.87 -10.50 -2.23
C ARG G 46 23.63 -10.56 -3.14
N VAL G 47 23.74 -10.03 -4.36
CA VAL G 47 22.62 -10.09 -5.34
C VAL G 47 23.12 -10.77 -6.62
N GLY G 48 22.34 -11.70 -7.17
CA GLY G 48 22.76 -12.43 -8.37
C GLY G 48 22.60 -11.62 -9.65
N ALA G 49 23.17 -12.10 -10.77
CA ALA G 49 23.04 -11.41 -12.05
C ALA G 49 21.66 -11.58 -12.67
N GLY G 50 21.04 -12.73 -12.47
CA GLY G 50 19.75 -13.00 -13.08
C GLY G 50 18.61 -12.37 -12.30
N ALA G 51 18.89 -11.94 -11.08
CA ALA G 51 17.84 -11.40 -10.23
C ALA G 51 17.19 -10.16 -10.81
N PRO G 52 17.93 -9.09 -11.16
CA PRO G 52 17.39 -7.86 -11.67
C PRO G 52 16.82 -8.02 -13.05
N VAL G 53 17.31 -9.02 -13.78
CA VAL G 53 16.78 -9.27 -15.10
C VAL G 53 15.38 -9.82 -14.95
N TYR G 54 15.24 -10.80 -14.06
CA TYR G 54 13.97 -11.42 -13.81
C TYR G 54 13.00 -10.39 -13.27
N LEU G 55 13.47 -9.62 -12.29
CA LEU G 55 12.63 -8.63 -11.64
C LEU G 55 12.22 -7.50 -12.56
N ALA G 56 13.15 -7.02 -13.38
CA ALA G 56 12.82 -5.93 -14.28
C ALA G 56 11.71 -6.36 -15.22
N ALA G 57 11.77 -7.61 -15.68
CA ALA G 57 10.73 -8.12 -16.57
C ALA G 57 9.38 -8.12 -15.88
N VAL G 58 9.39 -8.46 -14.59
CA VAL G 58 8.16 -8.49 -13.83
C VAL G 58 7.58 -7.10 -13.66
N LEU G 59 8.44 -6.15 -13.31
CA LEU G 59 7.97 -4.79 -13.09
C LEU G 59 7.44 -4.22 -14.39
N GLU G 60 8.13 -4.51 -15.48
CA GLU G 60 7.72 -4.01 -16.79
C GLU G 60 6.40 -4.63 -17.21
N TYR G 61 6.26 -5.93 -17.00
CA TYR G 61 5.03 -6.61 -17.36
C TYR G 61 3.84 -6.02 -16.63
N LEU G 62 3.95 -5.88 -15.32
CA LEU G 62 2.85 -5.38 -14.53
C LEU G 62 2.53 -3.95 -14.93
N THR G 63 3.57 -3.18 -15.21
CA THR G 63 3.41 -1.80 -15.62
C THR G 63 2.57 -1.75 -16.90
N ALA G 64 2.91 -2.61 -17.84
CA ALA G 64 2.19 -2.65 -19.11
C ALA G 64 0.72 -2.98 -18.91
N GLU G 65 0.42 -3.92 -18.02
CA GLU G 65 -0.97 -4.35 -17.85
C GLU G 65 -1.84 -3.23 -17.32
N ILE G 66 -1.31 -2.48 -16.38
CA ILE G 66 -2.08 -1.38 -15.83
C ILE G 66 -2.32 -0.33 -16.89
N LEU G 67 -1.28 -0.01 -17.64
CA LEU G 67 -1.36 1.00 -18.67
C LEU G 67 -2.30 0.60 -19.79
N GLU G 68 -2.31 -0.68 -20.14
CA GLU G 68 -3.20 -1.13 -21.21
C GLU G 68 -4.64 -0.92 -20.82
N LEU G 69 -4.97 -1.33 -19.61
CA LEU G 69 -6.33 -1.25 -19.13
C LEU G 69 -6.73 0.20 -18.89
N ALA G 70 -5.78 1.01 -18.44
CA ALA G 70 -6.04 2.43 -18.23
C ALA G 70 -6.29 3.11 -19.56
N GLY G 71 -5.56 2.70 -20.59
CA GLY G 71 -5.79 3.24 -21.92
C GLY G 71 -7.21 2.91 -22.36
N ASN G 72 -7.67 1.72 -22.01
CA ASN G 72 -9.04 1.34 -22.32
C ASN G 72 -10.02 2.17 -21.51
N ALA G 73 -9.69 2.44 -20.25
CA ALA G 73 -10.54 3.29 -19.42
C ALA G 73 -10.62 4.69 -20.02
N ALA G 74 -9.50 5.15 -20.56
CA ALA G 74 -9.47 6.46 -21.19
C ALA G 74 -10.38 6.47 -22.38
N ARG G 75 -10.40 5.36 -23.11
CA ARG G 75 -11.27 5.23 -24.25
C ARG G 75 -12.73 5.23 -23.85
N ASP G 76 -13.05 4.60 -22.74
CA ASP G 76 -14.42 4.56 -22.27
C ASP G 76 -14.94 5.98 -22.05
N ASN G 77 -14.03 6.87 -21.62
CA ASN G 77 -14.37 8.27 -21.40
C ASN G 77 -14.10 9.12 -22.62
N LYS G 78 -13.79 8.47 -23.74
CA LYS G 78 -13.53 9.11 -25.01
C LYS G 78 -12.35 10.06 -24.96
N LYS G 79 -11.31 9.67 -24.25
CA LYS G 79 -10.13 10.49 -24.11
C LYS G 79 -8.92 9.90 -24.80
N THR G 80 -7.91 10.73 -25.03
CA THR G 80 -6.67 10.31 -25.66
C THR G 80 -5.60 10.34 -24.59
N ARG G 81 -5.99 10.43 -23.31
CA ARG G 81 -4.98 10.64 -22.26
C ARG G 81 -5.30 9.91 -20.95
N ILE G 82 -4.30 9.25 -20.37
CA ILE G 82 -4.41 8.56 -19.10
C ILE G 82 -4.22 9.55 -17.96
N ILE G 83 -5.18 9.56 -17.06
CA ILE G 83 -5.15 10.38 -15.85
C ILE G 83 -5.35 9.40 -14.69
N PRO G 84 -5.06 9.79 -13.43
CA PRO G 84 -5.15 8.98 -12.24
C PRO G 84 -6.48 8.22 -12.16
N ARG G 85 -7.54 8.84 -12.65
CA ARG G 85 -8.84 8.21 -12.65
C ARG G 85 -8.87 6.97 -13.53
N HIS G 86 -8.21 7.04 -14.67
CA HIS G 86 -8.24 5.96 -15.62
C HIS G 86 -7.42 4.80 -15.09
N LEU G 87 -6.36 5.13 -14.35
CA LEU G 87 -5.58 4.10 -13.70
C LEU G 87 -6.42 3.41 -12.65
N GLN G 88 -7.21 4.20 -11.92
CA GLN G 88 -8.03 3.64 -10.85
C GLN G 88 -9.09 2.68 -11.39
N LEU G 89 -9.73 3.07 -12.49
CA LEU G 89 -10.78 2.25 -13.06
C LEU G 89 -10.21 0.95 -13.59
N ALA G 90 -9.03 1.04 -14.18
CA ALA G 90 -8.36 -0.12 -14.72
C ALA G 90 -8.06 -1.16 -13.65
N ILE G 91 -7.63 -0.68 -12.50
CA ILE G 91 -7.28 -1.55 -11.39
C ILE G 91 -8.49 -2.33 -10.90
N ARG G 92 -9.62 -1.67 -10.80
CA ARG G 92 -10.80 -2.32 -10.28
C ARG G 92 -11.41 -3.31 -11.24
N ASN G 93 -11.42 -2.98 -12.52
CA ASN G 93 -12.07 -3.83 -13.48
C ASN G 93 -11.35 -5.17 -13.60
N ASP G 94 -10.02 -5.14 -13.44
CA ASP G 94 -9.23 -6.36 -13.45
C ASP G 94 -9.11 -6.94 -12.05
N GLU G 95 -9.74 -8.09 -11.83
CA GLU G 95 -9.80 -8.69 -10.51
C GLU G 95 -8.43 -8.87 -9.87
N GLU G 96 -7.45 -9.28 -10.67
CA GLU G 96 -6.13 -9.56 -10.12
C GLU G 96 -5.43 -8.29 -9.69
N LEU G 97 -5.55 -7.24 -10.49
CA LEU G 97 -4.96 -5.97 -10.11
C LEU G 97 -5.72 -5.36 -8.94
N ASN G 98 -6.99 -5.73 -8.84
CA ASN G 98 -7.85 -5.24 -7.78
C ASN G 98 -7.52 -5.89 -6.45
N LYS G 99 -6.56 -6.80 -6.44
CA LYS G 99 -6.07 -7.35 -5.20
C LYS G 99 -4.68 -6.83 -4.93
N LEU G 100 -3.86 -6.85 -5.96
CA LEU G 100 -2.48 -6.41 -5.82
C LEU G 100 -2.43 -4.97 -5.34
N LEU G 101 -3.24 -4.13 -5.98
CA LEU G 101 -3.34 -2.72 -5.66
C LEU G 101 -4.69 -2.41 -5.07
N GLY G 102 -5.36 -3.43 -4.55
CA GLY G 102 -6.74 -3.31 -4.11
C GLY G 102 -6.91 -2.28 -3.01
N ARG G 103 -5.89 -2.13 -2.20
CA ARG G 103 -5.95 -1.27 -1.04
C ARG G 103 -5.28 0.07 -1.26
N VAL G 104 -4.87 0.33 -2.47
CA VAL G 104 -4.14 1.55 -2.77
C VAL G 104 -5.06 2.72 -3.01
N THR G 105 -4.74 3.84 -2.37
CA THR G 105 -5.50 5.06 -2.61
C THR G 105 -4.86 5.83 -3.76
N ILE G 106 -5.67 6.18 -4.73
CA ILE G 106 -5.20 6.91 -5.88
C ILE G 106 -5.62 8.35 -5.77
N ALA G 107 -4.66 9.26 -5.86
CA ALA G 107 -5.00 10.66 -5.76
C ALA G 107 -6.00 11.00 -6.84
N GLN G 108 -7.14 11.53 -6.44
CA GLN G 108 -8.20 11.86 -7.39
C GLN G 108 -8.58 10.67 -8.25
N GLY G 109 -8.60 9.48 -7.65
CA GLY G 109 -9.00 8.28 -8.39
C GLY G 109 -10.51 8.17 -8.50
N GLY G 110 -11.24 8.74 -7.54
CA GLY G 110 -12.69 8.63 -7.48
C GLY G 110 -13.07 7.20 -7.10
N VAL G 111 -14.34 6.85 -7.27
CA VAL G 111 -14.81 5.50 -6.97
C VAL G 111 -15.66 4.96 -8.11
N LEU G 112 -16.00 3.69 -8.06
CA LEU G 112 -16.88 3.12 -9.06
C LEU G 112 -18.30 3.61 -8.84
N PRO G 113 -19.07 3.81 -9.90
CA PRO G 113 -20.45 4.26 -9.91
C PRO G 113 -21.42 3.13 -9.56
N ASN G 114 -21.27 2.60 -8.35
CA ASN G 114 -22.08 1.47 -7.92
C ASN G 114 -23.24 1.88 -7.01
N ILE G 115 -24.45 1.60 -7.46
CA ILE G 115 -25.64 1.84 -6.66
C ILE G 115 -26.45 0.55 -6.54
N GLN G 116 -26.73 0.14 -5.31
CA GLN G 116 -27.45 -1.10 -5.08
C GLN G 116 -28.89 -1.01 -5.54
N ALA G 117 -29.44 -2.12 -6.01
CA ALA G 117 -30.79 -2.17 -6.54
C ALA G 117 -31.84 -1.74 -5.51
N VAL G 118 -31.57 -2.00 -4.24
CA VAL G 118 -32.52 -1.70 -3.19
C VAL G 118 -32.68 -0.20 -2.98
N LEU G 119 -31.77 0.57 -3.55
CA LEU G 119 -31.77 2.01 -3.42
C LEU G 119 -32.53 2.67 -4.56
N LEU G 120 -32.91 1.87 -5.55
CA LEU G 120 -33.54 2.39 -6.75
C LEU G 120 -35.05 2.18 -6.70
N PRO G 121 -35.82 2.98 -7.45
CA PRO G 121 -37.24 2.83 -7.70
C PRO G 121 -37.56 1.42 -8.15
N ARG H 37 17.26 15.00 -6.59
CA ARG H 37 15.98 14.31 -6.72
C ARG H 37 16.12 12.83 -6.42
N LYS H 38 15.10 12.07 -6.76
CA LYS H 38 15.09 10.63 -6.57
C LYS H 38 14.93 9.92 -7.91
N GLU H 39 15.37 8.68 -7.99
CA GLU H 39 15.20 7.89 -9.19
C GLU H 39 13.72 7.65 -9.45
N SER H 40 13.34 7.71 -10.72
CA SER H 40 11.97 7.44 -11.11
C SER H 40 11.98 6.62 -12.39
N TYR H 41 10.81 6.20 -12.82
CA TYR H 41 10.71 5.39 -14.00
C TYR H 41 9.87 6.07 -15.04
N SER H 42 9.80 7.40 -14.96
CA SER H 42 8.89 8.14 -15.82
C SER H 42 9.20 7.94 -17.29
N ILE H 43 10.47 7.75 -17.62
CA ILE H 43 10.82 7.54 -19.01
C ILE H 43 10.40 6.15 -19.46
N TYR H 44 10.48 5.18 -18.56
CA TYR H 44 10.17 3.81 -18.92
C TYR H 44 8.68 3.59 -18.96
N VAL H 45 7.97 4.24 -18.06
CA VAL H 45 6.52 4.11 -18.01
C VAL H 45 5.94 4.70 -19.29
N TYR H 46 6.47 5.85 -19.69
CA TYR H 46 6.02 6.52 -20.88
C TYR H 46 6.17 5.61 -22.09
N LYS H 47 7.36 5.00 -22.22
CA LYS H 47 7.65 4.12 -23.36
C LYS H 47 6.76 2.88 -23.35
N VAL H 48 6.57 2.29 -22.19
CA VAL H 48 5.75 1.09 -22.11
C VAL H 48 4.34 1.40 -22.57
N LEU H 49 3.80 2.54 -22.16
CA LEU H 49 2.46 2.92 -22.57
C LEU H 49 2.38 3.00 -24.08
N LYS H 50 3.37 3.63 -24.71
CA LYS H 50 3.22 3.81 -26.16
C LYS H 50 3.39 2.49 -26.91
N GLN H 51 3.99 1.46 -26.30
CA GLN H 51 4.06 0.18 -26.98
C GLN H 51 2.71 -0.52 -27.00
N VAL H 52 1.77 -0.01 -26.22
CA VAL H 52 0.45 -0.62 -26.14
C VAL H 52 -0.58 0.28 -26.81
N HIS H 53 -0.52 1.57 -26.46
CA HIS H 53 -1.43 2.57 -26.97
C HIS H 53 -0.65 3.78 -27.49
N PRO H 54 -0.06 3.68 -28.67
CA PRO H 54 0.91 4.61 -29.24
C PRO H 54 0.31 6.01 -29.46
N ASP H 55 -1.01 6.09 -29.50
CA ASP H 55 -1.70 7.35 -29.70
C ASP H 55 -2.30 7.91 -28.42
N THR H 56 -1.91 7.33 -27.27
CA THR H 56 -2.45 7.77 -25.99
C THR H 56 -1.36 8.42 -25.14
N GLY H 57 -1.67 9.59 -24.60
CA GLY H 57 -0.74 10.29 -23.74
C GLY H 57 -1.01 9.97 -22.28
N ILE H 58 -0.32 10.67 -21.39
CA ILE H 58 -0.48 10.44 -19.97
C ILE H 58 -0.10 11.69 -19.18
N SER H 59 -0.89 12.01 -18.17
CA SER H 59 -0.66 13.22 -17.37
C SER H 59 0.51 13.05 -16.43
N SER H 60 1.06 14.17 -15.96
CA SER H 60 2.17 14.12 -15.02
C SER H 60 1.77 13.51 -13.69
N LYS H 61 0.50 13.67 -13.34
CA LYS H 61 0.01 13.08 -12.11
C LYS H 61 -0.09 11.58 -12.24
N ALA H 62 -0.56 11.12 -13.39
CA ALA H 62 -0.65 9.70 -13.64
C ALA H 62 0.73 9.07 -13.61
N MET H 63 1.73 9.83 -14.08
CA MET H 63 3.09 9.33 -14.05
C MET H 63 3.53 9.17 -12.60
N GLY H 64 3.14 10.13 -11.77
CA GLY H 64 3.42 10.07 -10.34
C GLY H 64 2.80 8.83 -9.71
N ILE H 65 1.59 8.48 -10.17
CA ILE H 65 0.93 7.29 -9.66
C ILE H 65 1.74 6.06 -10.06
N MET H 66 2.18 6.04 -11.31
CA MET H 66 2.93 4.90 -11.81
C MET H 66 4.31 4.79 -11.16
N ASN H 67 4.88 5.92 -10.77
CA ASN H 67 6.16 5.88 -10.08
C ASN H 67 6.00 5.28 -8.70
N SER H 68 4.89 5.61 -8.03
CA SER H 68 4.62 5.03 -6.73
C SER H 68 4.41 3.53 -6.88
N PHE H 69 3.72 3.16 -7.95
CA PHE H 69 3.45 1.76 -8.22
C PHE H 69 4.71 0.94 -8.38
N VAL H 70 5.63 1.40 -9.20
CA VAL H 70 6.82 0.61 -9.45
C VAL H 70 7.63 0.46 -8.18
N ASN H 71 7.76 1.54 -7.42
CA ASN H 71 8.53 1.49 -6.19
C ASN H 71 7.91 0.54 -5.18
N ASP H 72 6.59 0.52 -5.14
CA ASP H 72 5.89 -0.35 -4.19
C ASP H 72 6.12 -1.81 -4.52
N ILE H 73 5.94 -2.17 -5.78
CA ILE H 73 6.10 -3.56 -6.16
C ILE H 73 7.54 -3.99 -6.00
N PHE H 74 8.47 -3.13 -6.38
CA PHE H 74 9.88 -3.44 -6.23
C PHE H 74 10.18 -3.78 -4.79
N GLU H 75 9.76 -2.93 -3.87
CA GLU H 75 10.04 -3.15 -2.46
C GLU H 75 9.46 -4.47 -1.98
N ARG H 76 8.24 -4.78 -2.38
CA ARG H 76 7.59 -5.98 -1.89
C ARG H 76 8.33 -7.23 -2.34
N ILE H 77 8.71 -7.26 -3.60
CA ILE H 77 9.36 -8.46 -4.12
C ILE H 77 10.71 -8.61 -3.48
N ALA H 78 11.46 -7.51 -3.42
CA ALA H 78 12.77 -7.53 -2.81
C ALA H 78 12.66 -7.91 -1.34
N GLY H 79 11.60 -7.43 -0.68
CA GLY H 79 11.37 -7.71 0.72
C GLY H 79 11.11 -9.19 0.95
N GLU H 80 10.24 -9.78 0.15
CA GLU H 80 9.94 -11.18 0.31
C GLU H 80 11.14 -12.03 -0.07
N ALA H 81 11.85 -11.61 -1.12
CA ALA H 81 13.03 -12.32 -1.54
C ALA H 81 14.06 -12.32 -0.43
N SER H 82 14.13 -11.23 0.32
CA SER H 82 15.02 -11.13 1.45
C SER H 82 14.66 -12.18 2.48
N ARG H 83 13.37 -12.34 2.76
CA ARG H 83 12.94 -13.36 3.70
C ARG H 83 13.31 -14.75 3.23
N LEU H 84 13.16 -15.01 1.94
CA LEU H 84 13.46 -16.34 1.46
C LEU H 84 14.93 -16.64 1.65
N ALA H 85 15.77 -15.66 1.38
CA ALA H 85 17.20 -15.83 1.58
C ALA H 85 17.51 -16.01 3.05
N HIS H 86 16.84 -15.25 3.90
CA HIS H 86 17.09 -15.32 5.33
C HIS H 86 16.67 -16.68 5.87
N TYR H 87 15.46 -17.08 5.51
CA TYR H 87 14.86 -18.31 6.00
C TYR H 87 15.69 -19.52 5.65
N ASN H 88 16.24 -19.55 4.44
CA ASN H 88 17.02 -20.68 3.99
C ASN H 88 18.50 -20.50 4.28
N LYS H 89 18.84 -19.50 5.10
CA LYS H 89 20.21 -19.29 5.54
C LYS H 89 21.15 -18.98 4.39
N ARG H 90 20.78 -18.02 3.54
CA ARG H 90 21.62 -17.65 2.41
C ARG H 90 21.94 -16.17 2.44
N SER H 91 22.97 -15.78 1.71
CA SER H 91 23.36 -14.38 1.64
C SER H 91 23.07 -13.79 0.27
N THR H 92 22.57 -14.62 -0.64
CA THR H 92 22.37 -14.17 -2.01
C THR H 92 20.94 -14.33 -2.47
N ILE H 93 20.44 -13.30 -3.13
CA ILE H 93 19.15 -13.36 -3.82
C ILE H 93 19.36 -13.56 -5.30
N THR H 94 18.78 -14.61 -5.85
CA THR H 94 18.93 -14.92 -7.26
C THR H 94 17.57 -14.88 -7.94
N SER H 95 17.54 -15.20 -9.22
CA SER H 95 16.31 -15.14 -9.98
C SER H 95 15.26 -16.08 -9.40
N ARG H 96 15.70 -17.14 -8.76
CA ARG H 96 14.76 -18.07 -8.17
C ARG H 96 13.99 -17.47 -7.01
N GLU H 97 14.68 -16.73 -6.14
CA GLU H 97 14.01 -16.12 -5.02
C GLU H 97 13.01 -15.10 -5.51
N ILE H 98 13.36 -14.42 -6.58
CA ILE H 98 12.44 -13.47 -7.15
C ILE H 98 11.22 -14.22 -7.66
N GLN H 99 11.44 -15.34 -8.34
CA GLN H 99 10.33 -16.13 -8.85
C GLN H 99 9.36 -16.55 -7.76
N THR H 100 9.90 -17.07 -6.66
CA THR H 100 9.06 -17.49 -5.55
C THR H 100 8.32 -16.30 -4.97
N ALA H 101 9.03 -15.19 -4.80
CA ALA H 101 8.43 -13.99 -4.25
C ALA H 101 7.27 -13.51 -5.13
N VAL H 102 7.44 -13.63 -6.44
CA VAL H 102 6.40 -13.23 -7.37
C VAL H 102 5.15 -14.08 -7.19
N ARG H 103 5.32 -15.37 -7.04
CA ARG H 103 4.17 -16.24 -6.84
C ARG H 103 3.42 -15.92 -5.58
N LEU H 104 4.14 -15.57 -4.52
CA LEU H 104 3.52 -15.25 -3.26
C LEU H 104 2.78 -13.91 -3.31
N LEU H 105 3.34 -12.96 -4.03
CA LEU H 105 2.77 -11.61 -4.07
C LEU H 105 1.70 -11.42 -5.14
N LEU H 106 1.83 -12.07 -6.30
CA LEU H 106 0.85 -11.88 -7.34
C LEU H 106 -0.16 -13.01 -7.34
N PRO H 107 -1.44 -12.73 -7.58
CA PRO H 107 -2.54 -13.67 -7.70
C PRO H 107 -2.65 -14.30 -9.07
N GLY H 108 -3.30 -15.46 -9.11
CA GLY H 108 -3.91 -15.99 -10.33
C GLY H 108 -2.97 -16.16 -11.50
N GLU H 109 -3.44 -15.70 -12.67
CA GLU H 109 -2.71 -15.81 -13.91
C GLU H 109 -1.70 -14.69 -14.03
N LEU H 110 -2.00 -13.56 -13.40
CA LEU H 110 -1.12 -12.41 -13.45
C LEU H 110 0.26 -12.85 -13.00
N ALA H 111 0.29 -13.67 -11.97
CA ALA H 111 1.52 -14.22 -11.44
C ALA H 111 2.25 -15.05 -12.48
N LYS H 112 1.51 -15.83 -13.26
CA LYS H 112 2.13 -16.72 -14.23
C LYS H 112 2.81 -15.96 -15.32
N HIS H 113 2.17 -14.92 -15.79
CA HIS H 113 2.71 -14.16 -16.89
C HIS H 113 3.99 -13.47 -16.43
N ALA H 114 3.96 -12.98 -15.19
CA ALA H 114 5.15 -12.36 -14.62
C ALA H 114 6.28 -13.37 -14.52
N VAL H 115 5.95 -14.58 -14.11
CA VAL H 115 6.94 -15.64 -13.99
C VAL H 115 7.52 -16.02 -15.33
N SER H 116 6.66 -16.15 -16.33
CA SER H 116 7.10 -16.53 -17.66
C SER H 116 8.05 -15.49 -18.22
N GLU H 117 7.68 -14.22 -18.09
CA GLU H 117 8.50 -13.14 -18.62
C GLU H 117 9.83 -13.04 -17.88
N GLY H 118 9.79 -13.25 -16.57
CA GLY H 118 11.00 -13.21 -15.76
C GLY H 118 11.94 -14.32 -16.17
N THR H 119 11.40 -15.54 -16.27
CA THR H 119 12.20 -16.70 -16.60
C THR H 119 12.83 -16.50 -17.96
N LYS H 120 12.04 -16.01 -18.90
CA LYS H 120 12.51 -15.77 -20.24
C LYS H 120 13.60 -14.72 -20.28
N ALA H 121 13.38 -13.60 -19.60
CA ALA H 121 14.33 -12.51 -19.67
C ALA H 121 15.70 -12.97 -19.21
N VAL H 122 15.73 -13.80 -18.17
CA VAL H 122 16.99 -14.31 -17.68
C VAL H 122 17.61 -15.23 -18.71
N THR H 123 16.77 -16.10 -19.27
CA THR H 123 17.25 -17.05 -20.26
C THR H 123 17.87 -16.32 -21.45
N LYS H 124 17.19 -15.27 -21.90
CA LYS H 124 17.65 -14.50 -23.03
C LYS H 124 18.92 -13.75 -22.70
N TYR H 125 18.96 -13.19 -21.51
CA TYR H 125 20.09 -12.40 -21.06
C TYR H 125 21.37 -13.21 -21.09
N THR H 126 21.33 -14.42 -20.55
CA THR H 126 22.53 -15.24 -20.50
C THR H 126 22.77 -15.98 -21.81
N SER H 127 21.72 -16.19 -22.59
CA SER H 127 21.85 -16.86 -23.87
C SER H 127 22.23 -15.87 -24.96
N ALA H 128 23.41 -15.28 -24.81
CA ALA H 128 23.87 -14.25 -25.72
C ALA H 128 25.32 -14.46 -26.09
N ALA K 412 -15.33 15.54 -51.23
CA ALA K 412 -14.71 16.43 -52.20
C ALA K 412 -14.19 17.69 -51.52
N LEU K 413 -14.96 18.19 -50.56
CA LEU K 413 -14.61 19.40 -49.83
C LEU K 413 -13.29 19.27 -49.11
N GLN K 414 -13.06 18.10 -48.49
CA GLN K 414 -11.82 17.86 -47.77
C GLN K 414 -10.62 18.08 -48.69
N LYS K 415 -10.68 17.52 -49.89
CA LYS K 415 -9.59 17.64 -50.82
C LYS K 415 -9.36 19.07 -51.27
N GLU K 416 -10.45 19.80 -51.53
CA GLU K 416 -10.29 21.18 -51.96
C GLU K 416 -9.54 21.98 -50.91
N LEU K 417 -9.92 21.75 -49.66
CA LEU K 417 -9.31 22.45 -48.54
C LEU K 417 -7.86 22.02 -48.36
N GLU K 418 -7.58 20.72 -48.52
CA GLU K 418 -6.22 20.21 -48.42
C GLU K 418 -5.32 20.85 -49.45
N GLN K 419 -5.81 20.93 -50.68
CA GLN K 419 -5.03 21.48 -51.78
C GLN K 419 -4.68 22.93 -51.52
N PHE K 420 -5.66 23.71 -51.09
CA PHE K 420 -5.38 25.11 -50.81
C PHE K 420 -4.42 25.27 -49.65
N ALA K 421 -4.61 24.51 -48.58
CA ALA K 421 -3.75 24.65 -47.41
C ALA K 421 -2.30 24.42 -47.79
N LYS K 422 -2.06 23.42 -48.64
CA LYS K 422 -0.71 23.20 -49.16
C LYS K 422 -0.21 24.38 -50.00
N LEU K 423 -1.07 24.93 -50.84
CA LEU K 423 -0.67 26.06 -51.67
C LEU K 423 -0.39 27.29 -50.82
N LEU K 424 -1.20 27.51 -49.79
CA LEU K 424 -1.04 28.67 -48.94
C LEU K 424 0.29 28.64 -48.23
N LYS K 425 0.61 27.48 -47.64
CA LYS K 425 1.86 27.33 -46.93
C LYS K 425 3.04 27.62 -47.84
N GLN K 426 2.99 27.08 -49.05
CA GLN K 426 4.09 27.27 -50.00
C GLN K 426 4.23 28.74 -50.39
N LYS K 427 3.08 29.39 -50.62
CA LYS K 427 3.07 30.79 -51.01
C LYS K 427 3.65 31.66 -49.90
N ARG K 428 3.23 31.39 -48.66
CA ARG K 428 3.70 32.14 -47.51
C ARG K 428 5.20 32.04 -47.37
N ILE K 429 5.71 30.81 -47.48
CA ILE K 429 7.12 30.56 -47.30
C ILE K 429 7.92 31.27 -48.38
N THR K 430 7.45 31.13 -49.62
CA THR K 430 8.12 31.71 -50.77
C THR K 430 8.25 33.22 -50.62
N LEU K 431 7.21 33.86 -50.10
CA LEU K 431 7.16 35.31 -49.97
C LEU K 431 7.76 35.82 -48.66
N GLY K 432 8.28 34.92 -47.82
CA GLY K 432 8.95 35.32 -46.60
C GLY K 432 8.03 35.78 -45.47
N TYR K 433 6.78 35.33 -45.46
CA TYR K 433 5.83 35.72 -44.42
C TYR K 433 5.66 34.69 -43.32
N THR K 434 5.28 35.16 -42.13
CA THR K 434 4.97 34.27 -41.02
C THR K 434 3.47 34.01 -40.92
N GLN K 435 3.09 33.05 -40.09
CA GLN K 435 1.69 32.74 -39.85
C GLN K 435 1.00 33.92 -39.17
N ALA K 436 1.71 34.56 -38.26
CA ALA K 436 1.17 35.74 -37.58
C ALA K 436 0.87 36.85 -38.59
N ASP K 437 1.74 37.01 -39.58
CA ASP K 437 1.55 38.02 -40.61
C ASP K 437 0.26 37.78 -41.38
N VAL K 438 -0.04 36.51 -41.65
CA VAL K 438 -1.27 36.17 -42.37
C VAL K 438 -2.47 36.57 -41.54
N GLY K 439 -2.46 36.19 -40.26
CA GLY K 439 -3.55 36.49 -39.35
C GLY K 439 -3.81 37.99 -39.27
N LEU K 440 -2.74 38.76 -39.04
CA LEU K 440 -2.84 40.20 -38.89
C LEU K 440 -3.25 40.89 -40.20
N THR K 441 -2.75 40.38 -41.32
CA THR K 441 -3.04 40.98 -42.62
C THR K 441 -4.50 40.76 -42.98
N LEU K 442 -5.04 39.58 -42.67
CA LEU K 442 -6.46 39.34 -42.89
C LEU K 442 -7.28 40.36 -42.11
N GLY K 443 -6.82 40.71 -40.92
CA GLY K 443 -7.46 41.78 -40.16
C GLY K 443 -7.49 43.06 -40.98
N VAL K 444 -6.34 43.44 -41.51
CA VAL K 444 -6.24 44.65 -42.32
C VAL K 444 -7.12 44.59 -43.56
N LEU K 445 -7.12 43.44 -44.25
CA LEU K 445 -7.83 43.29 -45.52
C LEU K 445 -9.34 43.19 -45.36
N PHE K 446 -9.80 42.47 -44.33
CA PHE K 446 -11.22 42.18 -44.23
C PHE K 446 -11.86 42.72 -42.95
N GLY K 447 -11.05 43.20 -42.02
CA GLY K 447 -11.54 43.73 -40.75
C GLY K 447 -11.61 42.65 -39.68
N LYS K 448 -11.46 41.40 -40.07
CA LYS K 448 -11.55 40.29 -39.12
C LYS K 448 -10.18 39.69 -38.86
N VAL K 449 -9.71 39.84 -37.64
CA VAL K 449 -8.36 39.42 -37.25
C VAL K 449 -8.33 37.95 -36.86
N PHE K 450 -7.31 37.24 -37.32
CA PHE K 450 -7.12 35.86 -36.91
C PHE K 450 -5.79 35.69 -36.20
N SER K 451 -5.74 34.79 -35.23
CA SER K 451 -4.49 34.49 -34.53
C SER K 451 -3.61 33.60 -35.38
N GLN K 452 -2.32 33.54 -35.03
CA GLN K 452 -1.41 32.63 -35.71
C GLN K 452 -1.75 31.19 -35.41
N THR K 453 -2.39 30.95 -34.26
CA THR K 453 -2.82 29.61 -33.91
C THR K 453 -3.83 29.11 -34.93
N THR K 454 -4.81 29.95 -35.24
CA THR K 454 -5.82 29.60 -36.23
C THR K 454 -5.18 29.34 -37.58
N ILE K 455 -4.26 30.22 -37.99
CA ILE K 455 -3.58 30.03 -39.27
C ILE K 455 -2.81 28.74 -39.28
N CYS K 456 -2.10 28.44 -38.20
CA CYS K 456 -1.33 27.22 -38.09
C CYS K 456 -2.24 26.02 -38.22
N ARG K 457 -3.33 26.05 -37.46
CA ARG K 457 -4.30 24.97 -37.49
C ARG K 457 -4.95 24.86 -38.87
N PHE K 458 -5.11 25.99 -39.56
CA PHE K 458 -5.67 25.95 -40.91
C PHE K 458 -4.72 25.18 -41.82
N GLU K 459 -3.45 25.58 -41.83
CA GLU K 459 -2.45 24.93 -42.68
C GLU K 459 -2.34 23.44 -42.33
N ALA K 460 -2.50 23.14 -41.04
CA ALA K 460 -2.42 21.77 -40.55
C ALA K 460 -3.76 21.04 -40.66
N LEU K 461 -4.79 21.72 -41.15
CA LEU K 461 -6.13 21.14 -41.30
C LEU K 461 -6.67 20.57 -39.99
N GLN K 462 -6.41 21.28 -38.90
CA GLN K 462 -6.90 20.90 -37.58
C GLN K 462 -8.19 21.60 -37.20
N LEU K 463 -8.73 22.38 -38.13
CA LEU K 463 -9.97 23.13 -37.91
C LEU K 463 -11.15 22.35 -38.48
N SER K 464 -12.35 22.77 -38.10
CA SER K 464 -13.58 22.18 -38.64
C SER K 464 -13.75 22.59 -40.09
N PHE K 465 -14.65 21.91 -40.80
CA PHE K 465 -14.87 22.24 -42.21
C PHE K 465 -15.40 23.64 -42.36
N LYS K 466 -16.41 24.00 -41.57
CA LYS K 466 -17.00 25.32 -41.67
C LYS K 466 -15.97 26.40 -41.39
N ASN K 467 -15.08 26.17 -40.44
CA ASN K 467 -14.10 27.18 -40.11
C ASN K 467 -13.10 27.34 -41.24
N MET K 468 -12.70 26.21 -41.83
CA MET K 468 -11.80 26.25 -42.97
C MET K 468 -12.47 26.91 -44.17
N CYS K 469 -13.76 26.64 -44.36
CA CYS K 469 -14.52 27.20 -45.47
C CYS K 469 -14.69 28.71 -45.33
N LYS K 470 -14.98 29.17 -44.11
CA LYS K 470 -15.15 30.60 -43.87
C LYS K 470 -13.84 31.34 -44.06
N LEU K 471 -12.75 30.72 -43.63
CA LEU K 471 -11.44 31.34 -43.65
C LEU K 471 -10.75 31.25 -45.02
N ARG K 472 -10.90 30.12 -45.72
CA ARG K 472 -10.19 29.91 -46.97
C ARG K 472 -10.24 31.10 -47.93
N PRO K 473 -11.42 31.64 -48.30
CA PRO K 473 -11.57 32.74 -49.22
C PRO K 473 -10.67 33.92 -48.86
N LEU K 474 -10.51 34.17 -47.57
CA LEU K 474 -9.73 35.30 -47.10
C LEU K 474 -8.25 35.03 -47.34
N LEU K 475 -7.87 33.77 -47.15
CA LEU K 475 -6.50 33.35 -47.31
C LEU K 475 -6.11 33.28 -48.78
N GLN K 476 -7.05 32.88 -49.63
CA GLN K 476 -6.81 32.85 -51.07
C GLN K 476 -6.52 34.26 -51.58
N LYS K 477 -7.30 35.22 -51.08
CA LYS K 477 -7.12 36.61 -51.41
C LYS K 477 -5.80 37.16 -50.87
N TRP K 478 -5.43 36.74 -49.66
CA TRP K 478 -4.15 37.15 -49.08
C TRP K 478 -3.00 36.80 -49.98
N VAL K 479 -2.98 35.57 -50.48
CA VAL K 479 -1.94 35.14 -51.40
C VAL K 479 -1.81 36.12 -52.56
N VAL L 28 16.06 14.69 -39.92
CA VAL L 28 16.16 16.01 -40.54
C VAL L 28 15.93 17.12 -39.51
N LYS L 29 16.95 17.94 -39.32
CA LYS L 29 16.90 19.03 -38.36
C LYS L 29 16.19 20.32 -38.70
N ARG L 30 16.09 21.18 -37.69
CA ARG L 30 15.36 22.45 -37.88
C ARG L 30 16.25 23.56 -38.40
N PRO L 31 15.72 24.40 -39.30
CA PRO L 31 16.45 25.54 -39.82
C PRO L 31 16.65 26.55 -38.68
N MET L 32 17.73 27.31 -38.75
CA MET L 32 18.07 28.28 -37.70
C MET L 32 17.18 29.51 -37.76
N ASN L 33 16.81 30.03 -36.60
CA ASN L 33 16.04 31.27 -36.52
C ASN L 33 16.98 32.47 -36.55
N ALA L 34 16.41 33.67 -36.56
CA ALA L 34 17.20 34.90 -36.66
C ALA L 34 18.33 34.94 -35.64
N PHE L 35 18.01 34.63 -34.39
CA PHE L 35 19.00 34.64 -33.33
C PHE L 35 20.07 33.61 -33.55
N MET L 36 19.66 32.39 -33.92
CA MET L 36 20.57 31.28 -34.11
C MET L 36 21.54 31.48 -35.26
N VAL L 37 21.10 32.15 -36.32
CA VAL L 37 22.01 32.39 -37.43
C VAL L 37 23.08 33.35 -36.97
N TRP L 38 22.64 34.41 -36.30
CA TRP L 38 23.53 35.41 -35.74
C TRP L 38 24.46 34.86 -34.66
N SER L 39 23.88 34.10 -33.72
CA SER L 39 24.64 33.58 -32.60
C SER L 39 25.69 32.61 -33.09
N ARG L 40 25.44 31.98 -34.22
CA ARG L 40 26.41 31.10 -34.84
C ARG L 40 27.69 31.85 -35.19
N GLY L 41 27.52 33.02 -35.79
CA GLY L 41 28.67 33.86 -36.13
C GLY L 41 29.35 34.36 -34.87
N GLN L 42 28.56 34.79 -33.89
CA GLN L 42 29.11 35.32 -32.66
C GLN L 42 29.55 34.23 -31.68
N ARG L 43 29.02 33.02 -31.86
CA ARG L 43 29.47 31.89 -31.08
C ARG L 43 30.96 31.73 -31.32
N ARG L 44 31.33 31.71 -32.61
CA ARG L 44 32.76 31.56 -33.00
C ARG L 44 33.49 32.86 -32.69
N LYS L 45 32.80 34.01 -32.70
CA LYS L 45 33.48 35.33 -32.47
C LYS L 45 33.63 35.60 -30.97
N MET L 46 33.18 34.68 -30.13
CA MET L 46 33.30 34.81 -28.64
C MET L 46 34.08 33.61 -28.14
N ALA L 47 33.66 32.41 -28.56
CA ALA L 47 34.33 31.17 -28.20
C ALA L 47 35.80 31.17 -28.61
N GLN L 48 36.07 31.56 -29.85
CA GLN L 48 37.45 31.65 -30.32
C GLN L 48 38.27 32.87 -29.95
N GLU L 49 37.69 34.04 -30.18
CA GLU L 49 38.35 35.32 -29.77
C GLU L 49 38.59 35.50 -28.24
N ASN L 50 37.63 34.99 -27.45
CA ASN L 50 37.71 34.98 -25.96
C ASN L 50 37.81 33.51 -25.51
N PRO L 51 39.02 32.92 -25.47
CA PRO L 51 39.20 31.50 -25.11
C PRO L 51 38.92 31.14 -23.65
N LYS L 52 38.65 29.85 -23.40
CA LYS L 52 38.38 29.23 -22.08
C LYS L 52 37.01 29.67 -21.51
N MET L 53 36.10 30.11 -22.39
CA MET L 53 34.78 30.52 -21.94
C MET L 53 33.78 29.41 -22.21
N HIS L 54 32.93 29.11 -21.24
CA HIS L 54 31.97 28.04 -21.38
C HIS L 54 30.86 28.45 -22.33
N ASN L 55 30.28 27.46 -23.00
CA ASN L 55 29.17 27.73 -23.91
C ASN L 55 27.96 28.25 -23.16
N SER L 56 27.83 27.87 -21.89
CA SER L 56 26.77 28.37 -21.04
C SER L 56 26.85 29.89 -20.93
N GLU L 57 28.05 30.40 -20.72
CA GLU L 57 28.30 31.83 -20.59
C GLU L 57 28.14 32.54 -21.93
N ILE L 58 28.58 31.90 -22.99
CA ILE L 58 28.47 32.51 -24.30
C ILE L 58 27.03 32.74 -24.65
N SER L 59 26.19 31.73 -24.44
CA SER L 59 24.78 31.84 -24.76
C SER L 59 24.12 33.01 -24.03
N LYS L 60 24.46 33.19 -22.74
CA LYS L 60 23.89 34.29 -21.96
C LYS L 60 24.27 35.63 -22.57
N ARG L 61 25.53 35.76 -22.91
CA ARG L 61 26.05 37.01 -23.45
C ARG L 61 25.45 37.30 -24.81
N LEU L 62 25.40 36.28 -25.67
CA LEU L 62 24.87 36.44 -27.00
C LEU L 62 23.40 36.82 -26.97
N GLY L 63 22.66 36.24 -26.03
CA GLY L 63 21.26 36.60 -25.89
C GLY L 63 21.14 38.10 -25.70
N ALA L 64 21.89 38.63 -24.73
CA ALA L 64 21.87 40.07 -24.45
C ALA L 64 22.40 40.88 -25.64
N GLU L 65 23.48 40.42 -26.25
CA GLU L 65 24.08 41.15 -27.35
C GLU L 65 23.11 41.29 -28.53
N TRP L 66 22.34 40.24 -28.80
CA TRP L 66 21.34 40.27 -29.86
C TRP L 66 20.28 41.32 -29.57
N LYS L 67 19.83 41.36 -28.31
CA LYS L 67 18.79 42.30 -27.91
C LYS L 67 19.21 43.75 -28.10
N LEU L 68 20.53 44.00 -28.04
CA LEU L 68 21.07 45.34 -28.16
C LEU L 68 21.35 45.77 -29.61
N LEU L 69 21.17 44.85 -30.56
CA LEU L 69 21.40 45.16 -31.97
C LEU L 69 20.27 46.00 -32.56
N SER L 70 20.60 46.83 -33.54
CA SER L 70 19.58 47.59 -34.24
C SER L 70 18.88 46.70 -35.25
N GLU L 71 17.76 47.18 -35.78
CA GLU L 71 17.02 46.42 -36.78
C GLU L 71 17.91 46.07 -37.97
N THR L 72 18.72 47.03 -38.41
CA THR L 72 19.60 46.82 -39.55
C THR L 72 20.64 45.75 -39.28
N GLU L 73 21.15 45.72 -38.06
CA GLU L 73 22.16 44.74 -37.67
C GLU L 73 21.56 43.35 -37.57
N LYS L 74 20.31 43.27 -37.14
CA LYS L 74 19.60 42.02 -37.01
C LYS L 74 19.10 41.53 -38.37
N ARG L 75 18.72 42.49 -39.21
CA ARG L 75 18.07 42.21 -40.48
C ARG L 75 18.63 41.06 -41.32
N PRO L 76 19.93 41.01 -41.67
CA PRO L 76 20.50 39.97 -42.50
C PRO L 76 20.38 38.59 -41.87
N PHE L 77 20.28 38.56 -40.55
CA PHE L 77 20.17 37.30 -39.83
C PHE L 77 18.71 36.88 -39.80
N ILE L 78 17.83 37.87 -39.68
CA ILE L 78 16.40 37.64 -39.71
C ILE L 78 15.99 37.11 -41.07
N ASP L 79 16.53 37.73 -42.12
CA ASP L 79 16.21 37.29 -43.46
C ASP L 79 16.95 36.01 -43.81
N GLU L 80 18.16 35.82 -43.28
CA GLU L 80 18.85 34.57 -43.57
C GLU L 80 18.09 33.42 -42.96
N ALA L 81 17.52 33.63 -41.78
CA ALA L 81 16.71 32.60 -41.17
C ALA L 81 15.52 32.25 -42.07
N LYS L 82 14.92 33.27 -42.68
CA LYS L 82 13.83 33.04 -43.62
C LYS L 82 14.33 32.23 -44.81
N ARG L 83 15.50 32.61 -45.31
CA ARG L 83 16.10 31.95 -46.45
C ARG L 83 16.44 30.50 -46.16
N LEU L 84 16.94 30.23 -44.96
CA LEU L 84 17.28 28.88 -44.54
C LEU L 84 16.04 28.05 -44.37
N ARG L 85 14.98 28.68 -43.82
CA ARG L 85 13.67 27.98 -43.63
C ARG L 85 13.09 27.64 -45.00
N ALA L 86 13.08 28.61 -45.93
CA ALA L 86 12.54 28.37 -47.25
C ALA L 86 13.37 27.33 -47.96
N LEU L 87 14.69 27.45 -47.85
CA LEU L 87 15.59 26.51 -48.50
C LEU L 87 15.43 25.11 -47.92
N HIS L 88 15.31 25.02 -46.61
CA HIS L 88 15.17 23.74 -45.94
C HIS L 88 13.92 23.02 -46.40
N MET L 89 12.81 23.73 -46.44
CA MET L 89 11.54 23.17 -46.88
C MET L 89 11.57 22.81 -48.36
N LYS L 90 12.25 23.62 -49.16
CA LYS L 90 12.40 23.30 -50.57
C LYS L 90 13.14 21.97 -50.74
N GLU L 91 14.19 21.76 -49.93
CA GLU L 91 14.96 20.52 -49.97
C GLU L 91 14.20 19.36 -49.34
N HIS L 92 13.32 19.69 -48.40
CA HIS L 92 12.48 18.71 -47.71
C HIS L 92 11.02 19.16 -47.66
N PRO L 93 10.30 19.08 -48.78
CA PRO L 93 8.94 19.60 -49.02
C PRO L 93 7.93 19.18 -47.96
N ASP L 94 8.10 17.98 -47.41
CA ASP L 94 7.15 17.46 -46.44
C ASP L 94 7.65 17.57 -45.01
N TYR L 95 8.71 18.36 -44.78
CA TYR L 95 9.33 18.43 -43.42
C TYR L 95 8.40 19.12 -42.43
N LYS L 96 8.24 18.50 -41.26
CA LYS L 96 7.42 19.08 -40.20
C LYS L 96 8.16 19.05 -38.87
N TYR L 97 7.84 20.02 -38.00
CA TYR L 97 8.45 20.03 -36.64
C TYR L 97 7.60 19.21 -35.69
N ARG L 98 8.17 18.15 -35.13
CA ARG L 98 7.48 17.28 -34.19
C ARG L 98 8.37 16.87 -33.03
N PRO L 99 8.23 17.57 -31.88
CA PRO L 99 9.03 17.29 -30.68
C PRO L 99 8.41 16.17 -29.84
N ARG L 100 9.23 15.44 -29.07
CA ARG L 100 8.73 14.36 -28.19
C ARG L 100 8.76 14.83 -26.74
#